data_6O95
#
_entry.id   6O95
#
_cell.length_a   141.838
_cell.length_b   140.615
_cell.length_c   87.559
_cell.angle_alpha   90.00
_cell.angle_beta   123.71
_cell.angle_gamma   90.00
#
_symmetry.space_group_name_H-M   'C 1 2 1'
#
loop_
_entity.id
_entity.type
_entity.pdbx_description
1 polymer 'Interleukin-1 receptor-associated kinase 4'
2 non-polymer 'SULFATE ION'
3 non-polymer N-[(2R)-2-(hydroxymethyl)-2-methyl-6-(morpholin-4-yl)-2,3-dihydro-1-benzofuran-5-yl]pyrazolo[1,5-a]pyrimidine-3-carboxamide
4 water water
#
_entity_poly.entity_id   1
_entity_poly.type   'polypeptide(L)'
_entity_poly.pdbx_seq_one_letter_code
;MHHHHHHGENLYFQGSVSDTRFHSFSFYELKNVTNNFDERPISVGGNKMGEGGFGVVYKGYVNNTTVAVKKLAAMVDITT
EELKQQFDQEIKVMAKCQHENLVELLGFSSDGDDLCLVYVYMPNGSLLDRLSCLDGTPPLSWHMRCKIAQGAANGINFLH
ENHHIHRDIKSANILLDEAFTAKISDFGLARASEKFAQ(TPO)VM(TPO)(SEP)RIVGTTAYMAPEALRGEITPKSDIY
SFGVVLLEIITGLPAVDEHREPQLLLDIKEEIEDEEKTIEDYIDKKMNDADSTSVEAMYSVASQCLHEKKNKRPDIKKVQ
QLLQEMTASGNS
;
_entity_poly.pdbx_strand_id   A,B,C,D
#
loop_
_chem_comp.id
_chem_comp.type
_chem_comp.name
_chem_comp.formula
LSV non-polymer N-[(2R)-2-(hydroxymethyl)-2-methyl-6-(morpholin-4-yl)-2,3-dihydro-1-benzofuran-5-yl]pyrazolo[1,5-a]pyrimidine-3-carboxamide 'C21 H23 N5 O4'
SO4 non-polymer 'SULFATE ION' 'O4 S -2'
#
# COMPACT_ATOMS: atom_id res chain seq x y z
N ASP A 19 -8.11 34.41 -15.00
CA ASP A 19 -8.22 35.15 -16.24
C ASP A 19 -9.66 35.65 -16.44
N THR A 20 -9.77 36.82 -17.06
CA THR A 20 -11.03 37.56 -17.15
C THR A 20 -11.63 37.68 -18.55
N ARG A 21 -11.19 36.83 -19.47
CA ARG A 21 -11.72 36.87 -20.82
C ARG A 21 -11.76 35.48 -21.43
N PHE A 22 -12.57 35.34 -22.49
CA PHE A 22 -12.68 34.13 -23.28
C PHE A 22 -11.62 34.23 -24.37
N HIS A 23 -11.03 33.10 -24.73
CA HIS A 23 -9.96 33.06 -25.71
C HIS A 23 -10.39 32.35 -26.98
N SER A 24 -10.00 32.93 -28.11
CA SER A 24 -10.27 32.29 -29.39
C SER A 24 -8.95 31.64 -29.76
N PHE A 25 -8.97 30.31 -29.87
CA PHE A 25 -7.80 29.51 -30.20
C PHE A 25 -7.88 29.06 -31.66
N SER A 26 -6.73 28.95 -32.31
CA SER A 26 -6.70 28.42 -33.65
C SER A 26 -6.78 26.89 -33.48
N PHE A 27 -7.38 26.20 -34.45
CA PHE A 27 -7.44 24.75 -34.44
C PHE A 27 -6.04 24.12 -34.32
N TYR A 28 -5.02 24.74 -34.98
CA TYR A 28 -3.64 24.26 -34.93
C TYR A 28 -3.04 24.33 -33.52
N GLU A 29 -3.40 25.37 -32.71
CA GLU A 29 -2.87 25.42 -31.35
C GLU A 29 -3.46 24.27 -30.52
N LEU A 30 -4.77 24.05 -30.63
CA LEU A 30 -5.47 22.97 -29.89
C LEU A 30 -5.02 21.60 -30.35
N LYS A 31 -4.74 21.46 -31.66
CA LYS A 31 -4.19 20.21 -32.20
C LYS A 31 -2.83 19.99 -31.56
N ASN A 32 -2.02 21.05 -31.44
CA ASN A 32 -0.67 20.97 -30.92
C ASN A 32 -0.61 20.62 -29.43
N VAL A 33 -1.39 21.34 -28.62
CA VAL A 33 -1.33 21.17 -27.16
C VAL A 33 -1.99 19.86 -26.65
N THR A 34 -2.71 19.12 -27.52
CA THR A 34 -3.35 17.83 -27.19
C THR A 34 -2.54 16.68 -27.84
N ASN A 35 -1.27 16.97 -28.26
CA ASN A 35 -0.37 16.03 -28.94
C ASN A 35 -1.10 15.41 -30.13
N ASN A 36 -1.66 16.28 -31.00
CA ASN A 36 -2.46 15.97 -32.20
C ASN A 36 -3.70 15.14 -31.82
N PHE A 37 -4.47 15.60 -30.79
CA PHE A 37 -5.67 14.90 -30.29
C PHE A 37 -5.41 13.39 -30.11
N ASP A 38 -4.33 13.09 -29.40
CA ASP A 38 -3.84 11.74 -29.10
C ASP A 38 -4.92 10.96 -28.34
N GLU A 39 -5.58 10.02 -29.04
CA GLU A 39 -6.70 9.23 -28.51
C GLU A 39 -6.32 8.13 -27.51
N ARG A 40 -5.02 7.96 -27.21
CA ARG A 40 -4.56 6.96 -26.23
C ARG A 40 -4.87 7.46 -24.79
N PRO A 41 -5.07 6.58 -23.80
CA PRO A 41 -5.35 7.08 -22.43
C PRO A 41 -4.17 7.80 -21.81
N ILE A 42 -4.42 8.63 -20.77
CA ILE A 42 -3.41 9.38 -20.02
C ILE A 42 -2.21 8.54 -19.53
N SER A 43 -2.47 7.37 -18.92
CA SER A 43 -1.43 6.52 -18.32
C SER A 43 -0.38 5.98 -19.31
N VAL A 44 -0.76 5.78 -20.59
CA VAL A 44 0.18 5.25 -21.59
C VAL A 44 0.94 6.39 -22.34
N GLY A 45 0.62 7.64 -21.99
CA GLY A 45 1.26 8.82 -22.57
C GLY A 45 0.39 9.57 -23.56
N GLY A 46 -0.90 9.23 -23.61
CA GLY A 46 -1.89 9.84 -24.49
C GLY A 46 -2.55 11.06 -23.85
N ASN A 47 -3.63 11.55 -24.49
CA ASN A 47 -4.34 12.76 -24.04
C ASN A 47 -5.85 12.58 -23.83
N LYS A 48 -6.39 11.39 -24.14
CA LYS A 48 -7.81 11.14 -24.02
C LYS A 48 -8.22 11.02 -22.56
N MET A 49 -9.14 11.90 -22.11
CA MET A 49 -9.59 11.90 -20.71
C MET A 49 -10.92 11.20 -20.55
N GLY A 50 -11.73 11.30 -21.58
CA GLY A 50 -13.02 10.65 -21.65
C GLY A 50 -13.79 11.06 -22.87
N GLU A 51 -15.06 10.65 -22.91
CA GLU A 51 -15.94 10.95 -24.01
C GLU A 51 -17.37 10.98 -23.59
N GLY A 52 -18.15 11.73 -24.34
CA GLY A 52 -19.58 11.88 -24.16
C GLY A 52 -20.28 11.65 -25.47
N GLY A 53 -21.57 11.92 -25.49
CA GLY A 53 -22.36 11.77 -26.71
C GLY A 53 -22.04 12.81 -27.77
N PHE A 54 -21.41 13.95 -27.37
CA PHE A 54 -21.14 15.04 -28.31
C PHE A 54 -19.64 15.34 -28.56
N GLY A 55 -18.74 14.46 -28.13
CA GLY A 55 -17.32 14.64 -28.39
C GLY A 55 -16.36 13.96 -27.45
N VAL A 56 -15.08 13.97 -27.84
CA VAL A 56 -14.00 13.40 -27.06
C VAL A 56 -13.36 14.57 -26.31
N VAL A 57 -13.08 14.36 -25.02
CA VAL A 57 -12.43 15.38 -24.19
C VAL A 57 -10.95 15.00 -23.99
N TYR A 58 -10.06 15.92 -24.38
CA TYR A 58 -8.61 15.75 -24.29
C TYR A 58 -7.96 16.67 -23.29
N LYS A 59 -6.83 16.23 -22.75
CA LYS A 59 -6.03 17.05 -21.87
C LYS A 59 -5.16 17.94 -22.76
N GLY A 60 -5.07 19.21 -22.41
CA GLY A 60 -4.24 20.19 -23.11
C GLY A 60 -3.39 20.99 -22.14
N TYR A 61 -2.30 21.58 -22.63
CA TYR A 61 -1.39 22.40 -21.83
C TYR A 61 -1.14 23.69 -22.62
N VAL A 62 -1.66 24.84 -22.15
CA VAL A 62 -1.53 26.11 -22.88
C VAL A 62 -0.55 27.10 -22.20
N ASN A 63 -1.04 27.96 -21.27
CA ASN A 63 -0.24 29.01 -20.62
C ASN A 63 0.41 28.47 -19.35
N ASN A 64 1.19 27.35 -19.48
CA ASN A 64 1.77 26.58 -18.39
C ASN A 64 0.56 26.12 -17.52
N THR A 65 -0.61 26.02 -18.18
CA THR A 65 -1.90 25.72 -17.61
C THR A 65 -2.52 24.53 -18.33
N THR A 66 -2.95 23.55 -17.53
CA THR A 66 -3.65 22.39 -18.05
C THR A 66 -5.09 22.82 -18.33
N VAL A 67 -5.62 22.41 -19.46
CA VAL A 67 -6.99 22.71 -19.85
C VAL A 67 -7.65 21.43 -20.34
N ALA A 68 -8.98 21.44 -20.50
CA ALA A 68 -9.72 20.33 -21.11
C ALA A 68 -10.22 20.83 -22.47
N VAL A 69 -10.04 20.03 -23.51
CA VAL A 69 -10.41 20.40 -24.87
C VAL A 69 -11.43 19.40 -25.41
N LYS A 70 -12.64 19.86 -25.63
CA LYS A 70 -13.66 18.98 -26.19
C LYS A 70 -13.68 19.19 -27.69
N LYS A 71 -13.34 18.11 -28.46
CA LYS A 71 -13.39 18.11 -29.92
C LYS A 71 -14.77 17.54 -30.24
N LEU A 72 -15.67 18.40 -30.70
CA LEU A 72 -17.05 18.05 -30.99
C LEU A 72 -17.18 17.07 -32.14
N ALA A 73 -18.08 16.09 -31.97
CA ALA A 73 -18.39 15.02 -32.94
C ALA A 73 -19.73 14.39 -32.55
N ALA A 74 -20.61 14.17 -33.53
CA ALA A 74 -21.94 13.57 -33.31
C ALA A 74 -21.80 12.05 -33.07
N MET A 75 -21.32 11.69 -31.86
CA MET A 75 -21.08 10.31 -31.45
C MET A 75 -22.38 9.53 -31.23
N VAL A 76 -23.46 10.26 -30.88
CA VAL A 76 -24.81 9.68 -30.72
C VAL A 76 -25.60 9.92 -32.02
N ASP A 77 -26.96 9.93 -31.96
CA ASP A 77 -27.79 10.12 -33.14
C ASP A 77 -28.27 11.56 -33.35
N ILE A 78 -27.36 12.44 -33.83
CA ILE A 78 -27.61 13.86 -34.18
C ILE A 78 -26.86 14.25 -35.47
N THR A 79 -27.29 15.32 -36.16
CA THR A 79 -26.69 15.80 -37.42
C THR A 79 -25.57 16.83 -37.18
N THR A 80 -24.89 17.26 -38.27
CA THR A 80 -23.82 18.25 -38.25
C THR A 80 -24.37 19.62 -37.82
N GLU A 81 -25.58 19.99 -38.32
CA GLU A 81 -26.23 21.26 -37.98
C GLU A 81 -26.66 21.28 -36.51
N GLU A 82 -27.18 20.15 -35.99
CA GLU A 82 -27.61 20.00 -34.58
C GLU A 82 -26.40 20.14 -33.65
N LEU A 83 -25.24 19.59 -34.06
CA LEU A 83 -23.97 19.64 -33.34
C LEU A 83 -23.44 21.09 -33.29
N LYS A 84 -23.48 21.82 -34.44
CA LYS A 84 -23.03 23.21 -34.55
C LYS A 84 -23.92 24.12 -33.68
N GLN A 85 -25.23 23.81 -33.63
CA GLN A 85 -26.25 24.50 -32.84
C GLN A 85 -25.95 24.31 -31.35
N GLN A 86 -25.50 23.11 -30.94
CA GLN A 86 -25.17 22.76 -29.54
C GLN A 86 -23.88 23.46 -29.10
N PHE A 87 -22.94 23.66 -30.05
CA PHE A 87 -21.67 24.38 -29.90
C PHE A 87 -22.01 25.82 -29.57
N ASP A 88 -22.89 26.44 -30.39
CA ASP A 88 -23.36 27.83 -30.21
C ASP A 88 -24.11 28.00 -28.90
N GLN A 89 -25.06 27.07 -28.60
CA GLN A 89 -25.84 27.07 -27.38
C GLN A 89 -24.93 26.93 -26.15
N GLU A 90 -23.95 26.01 -26.20
CA GLU A 90 -23.02 25.86 -25.07
C GLU A 90 -22.24 27.15 -24.81
N ILE A 91 -21.67 27.80 -25.85
CA ILE A 91 -20.93 29.08 -25.65
C ILE A 91 -21.85 30.12 -25.02
N LYS A 92 -23.06 30.26 -25.57
CA LYS A 92 -24.05 31.24 -25.12
C LYS A 92 -24.43 31.01 -23.65
N VAL A 93 -24.79 29.74 -23.30
CA VAL A 93 -25.22 29.40 -21.95
C VAL A 93 -24.07 29.53 -20.96
N MET A 94 -22.86 29.13 -21.36
CA MET A 94 -21.69 29.19 -20.49
C MET A 94 -21.21 30.61 -20.25
N ALA A 95 -21.43 31.54 -21.22
CA ALA A 95 -21.07 32.96 -21.05
C ALA A 95 -22.02 33.60 -20.05
N LYS A 96 -23.30 33.20 -20.12
CA LYS A 96 -24.39 33.71 -19.29
C LYS A 96 -24.41 33.12 -17.88
N CYS A 97 -24.03 31.84 -17.74
CA CYS A 97 -24.10 31.11 -16.48
C CYS A 97 -22.74 30.80 -15.93
N GLN A 98 -22.25 31.65 -15.03
CA GLN A 98 -20.94 31.53 -14.42
C GLN A 98 -21.17 31.43 -12.92
N HIS A 99 -20.91 30.24 -12.35
CA HIS A 99 -21.21 29.95 -10.96
C HIS A 99 -20.21 28.92 -10.42
N GLU A 100 -19.98 28.93 -9.09
CA GLU A 100 -19.04 28.02 -8.41
C GLU A 100 -19.35 26.51 -8.60
N ASN A 101 -20.61 26.13 -8.93
CA ASN A 101 -20.95 24.72 -9.16
C ASN A 101 -21.27 24.41 -10.62
N LEU A 102 -20.71 25.23 -11.53
CA LEU A 102 -20.83 25.01 -12.96
C LEU A 102 -19.42 25.01 -13.55
N VAL A 103 -19.19 24.19 -14.58
CA VAL A 103 -17.88 24.16 -15.25
C VAL A 103 -17.60 25.52 -15.87
N GLU A 104 -16.34 25.85 -16.04
CA GLU A 104 -15.94 27.16 -16.56
C GLU A 104 -15.41 27.04 -17.98
N LEU A 105 -16.07 27.73 -18.93
CA LEU A 105 -15.58 27.81 -20.31
C LEU A 105 -14.46 28.83 -20.36
N LEU A 106 -13.36 28.47 -21.02
CA LEU A 106 -12.15 29.30 -21.15
C LEU A 106 -12.08 29.92 -22.55
N GLY A 107 -12.49 29.15 -23.54
CA GLY A 107 -12.40 29.56 -24.93
C GLY A 107 -12.91 28.54 -25.90
N PHE A 108 -12.60 28.76 -27.19
CA PHE A 108 -13.20 27.96 -28.25
C PHE A 108 -12.40 28.08 -29.52
N SER A 109 -12.72 27.21 -30.49
CA SER A 109 -12.08 27.17 -31.81
C SER A 109 -13.14 26.75 -32.83
N SER A 110 -13.26 27.49 -33.95
CA SER A 110 -14.24 27.12 -34.96
C SER A 110 -13.70 27.26 -36.40
N ASP A 111 -12.42 27.63 -36.55
CA ASP A 111 -11.78 27.79 -37.86
C ASP A 111 -11.56 26.45 -38.59
N ASP A 114 -14.31 21.65 -37.71
CA ASP A 114 -13.43 21.28 -36.60
C ASP A 114 -13.71 22.13 -35.34
N LEU A 115 -14.88 21.90 -34.72
CA LEU A 115 -15.33 22.66 -33.55
C LEU A 115 -14.74 22.13 -32.24
N CYS A 116 -14.22 23.06 -31.40
CA CYS A 116 -13.60 22.76 -30.10
C CYS A 116 -14.04 23.73 -29.02
N LEU A 117 -14.28 23.19 -27.83
CA LEU A 117 -14.59 24.03 -26.66
C LEU A 117 -13.45 23.78 -25.67
N VAL A 118 -12.96 24.84 -25.02
CA VAL A 118 -11.83 24.73 -24.09
C VAL A 118 -12.31 25.11 -22.71
N TYR A 119 -12.09 24.24 -21.71
CA TYR A 119 -12.58 24.48 -20.35
C TYR A 119 -11.46 24.47 -19.34
N VAL A 120 -11.76 25.01 -18.14
CA VAL A 120 -10.85 24.94 -17.01
C VAL A 120 -10.79 23.44 -16.65
N TYR A 121 -9.58 22.92 -16.53
CA TYR A 121 -9.31 21.53 -16.21
C TYR A 121 -9.93 21.13 -14.84
N MET A 122 -10.61 19.97 -14.80
CA MET A 122 -11.25 19.39 -13.58
C MET A 122 -10.39 18.17 -13.23
N PRO A 123 -9.37 18.32 -12.35
CA PRO A 123 -8.42 17.21 -12.13
C PRO A 123 -8.98 15.91 -11.61
N ASN A 124 -10.16 15.95 -11.00
CA ASN A 124 -10.74 14.72 -10.46
C ASN A 124 -11.82 14.11 -11.35
N GLY A 125 -11.89 14.57 -12.60
CA GLY A 125 -12.79 13.98 -13.59
C GLY A 125 -14.26 14.07 -13.27
N SER A 126 -15.04 13.04 -13.64
CA SER A 126 -16.48 13.08 -13.37
C SER A 126 -16.86 12.28 -12.14
N LEU A 127 -18.06 12.55 -11.62
CA LEU A 127 -18.62 11.79 -10.49
C LEU A 127 -18.76 10.33 -10.91
N LEU A 128 -19.18 10.09 -12.18
CA LEU A 128 -19.32 8.73 -12.71
C LEU A 128 -17.97 8.00 -12.60
N ASP A 129 -16.87 8.63 -13.07
CA ASP A 129 -15.54 8.00 -13.01
C ASP A 129 -15.15 7.69 -11.56
N ARG A 130 -15.38 8.64 -10.65
CA ARG A 130 -14.99 8.46 -9.24
C ARG A 130 -15.83 7.39 -8.54
N LEU A 131 -17.12 7.31 -8.89
CA LEU A 131 -17.94 6.25 -8.29
C LEU A 131 -17.52 4.87 -8.81
N SER A 132 -16.99 4.79 -10.03
CA SER A 132 -16.53 3.51 -10.56
C SER A 132 -15.05 3.24 -10.19
N CYS A 133 -14.37 4.18 -9.47
CA CYS A 133 -12.95 4.06 -9.07
C CYS A 133 -12.06 3.85 -10.29
N LEU A 134 -12.42 4.49 -11.39
CA LEU A 134 -11.73 4.37 -12.66
C LEU A 134 -10.24 4.70 -12.50
N ASP A 135 -9.37 3.89 -13.12
CA ASP A 135 -7.92 4.03 -13.10
C ASP A 135 -7.27 3.83 -11.72
N GLY A 136 -7.99 3.21 -10.77
CA GLY A 136 -7.43 2.91 -9.46
C GLY A 136 -7.58 3.95 -8.38
N THR A 137 -8.47 4.96 -8.61
CA THR A 137 -8.68 5.98 -7.59
C THR A 137 -9.43 5.37 -6.40
N PRO A 138 -9.17 5.85 -5.16
CA PRO A 138 -9.87 5.27 -4.03
C PRO A 138 -11.36 5.66 -4.02
N PRO A 139 -12.21 4.77 -3.45
CA PRO A 139 -13.64 5.08 -3.40
C PRO A 139 -13.91 6.38 -2.66
N LEU A 140 -14.93 7.11 -3.11
CA LEU A 140 -15.31 8.35 -2.42
C LEU A 140 -15.94 7.98 -1.08
N SER A 141 -15.63 8.76 -0.02
CA SER A 141 -16.26 8.52 1.29
C SER A 141 -17.69 8.99 1.26
N TRP A 142 -18.51 8.54 2.24
CA TRP A 142 -19.88 9.03 2.36
C TRP A 142 -19.86 10.56 2.60
N HIS A 143 -18.91 11.05 3.42
CA HIS A 143 -18.76 12.47 3.67
C HIS A 143 -18.57 13.23 2.35
N MET A 144 -17.63 12.75 1.50
CA MET A 144 -17.34 13.38 0.18
CA MET A 144 -17.36 13.39 0.21
C MET A 144 -18.60 13.34 -0.69
N ARG A 145 -19.29 12.21 -0.71
CA ARG A 145 -20.52 12.03 -1.51
C ARG A 145 -21.60 13.05 -1.09
N CYS A 146 -21.78 13.28 0.24
CA CYS A 146 -22.76 14.27 0.69
C CYS A 146 -22.43 15.68 0.19
N LYS A 147 -21.15 16.08 0.28
CA LYS A 147 -20.69 17.38 -0.18
C LYS A 147 -20.93 17.53 -1.70
N ILE A 148 -20.68 16.46 -2.45
CA ILE A 148 -20.86 16.49 -3.91
C ILE A 148 -22.33 16.63 -4.26
N ALA A 149 -23.19 15.83 -3.58
CA ALA A 149 -24.65 15.90 -3.79
C ALA A 149 -25.15 17.35 -3.53
N GLN A 150 -24.67 18.01 -2.46
CA GLN A 150 -25.03 19.40 -2.12
C GLN A 150 -24.55 20.39 -3.17
N GLY A 151 -23.30 20.24 -3.61
CA GLY A 151 -22.72 21.11 -4.62
C GLY A 151 -23.47 21.00 -5.94
N ALA A 152 -23.80 19.75 -6.37
CA ALA A 152 -24.54 19.51 -7.62
C ALA A 152 -25.94 20.19 -7.55
N ALA A 153 -26.65 20.06 -6.41
CA ALA A 153 -27.97 20.70 -6.23
C ALA A 153 -27.82 22.22 -6.31
N ASN A 154 -26.72 22.80 -5.75
CA ASN A 154 -26.50 24.25 -5.80
CA ASN A 154 -26.49 24.25 -5.81
C ASN A 154 -26.32 24.73 -7.26
N GLY A 155 -25.62 23.93 -8.07
CA GLY A 155 -25.41 24.23 -9.49
C GLY A 155 -26.76 24.22 -10.21
N ILE A 156 -27.56 23.16 -10.02
CA ILE A 156 -28.92 23.05 -10.62
C ILE A 156 -29.79 24.22 -10.20
N ASN A 157 -29.70 24.60 -8.91
CA ASN A 157 -30.45 25.74 -8.39
C ASN A 157 -30.12 27.02 -9.16
N PHE A 158 -28.82 27.31 -9.39
CA PHE A 158 -28.40 28.49 -10.15
C PHE A 158 -29.02 28.46 -11.56
N LEU A 159 -28.94 27.32 -12.26
CA LEU A 159 -29.52 27.19 -13.59
C LEU A 159 -31.04 27.48 -13.58
N HIS A 160 -31.79 26.82 -12.66
CA HIS A 160 -33.26 27.00 -12.53
C HIS A 160 -33.64 28.43 -12.12
N GLU A 161 -32.87 29.06 -11.21
CA GLU A 161 -33.07 30.46 -10.80
C GLU A 161 -32.92 31.41 -11.99
N ASN A 162 -31.99 31.06 -12.91
CA ASN A 162 -31.65 31.79 -14.12
C ASN A 162 -32.43 31.32 -15.37
N HIS A 163 -33.54 30.60 -15.14
CA HIS A 163 -34.52 30.11 -16.13
C HIS A 163 -33.90 29.24 -17.23
N HIS A 164 -32.98 28.34 -16.84
CA HIS A 164 -32.36 27.39 -17.75
C HIS A 164 -32.74 25.98 -17.30
N ILE A 165 -33.05 25.12 -18.27
CA ILE A 165 -33.35 23.70 -18.05
C ILE A 165 -32.11 23.00 -18.60
N HIS A 166 -31.45 22.19 -17.76
CA HIS A 166 -30.22 21.52 -18.20
C HIS A 166 -30.46 20.48 -19.30
N ARG A 167 -31.42 19.55 -19.08
CA ARG A 167 -31.89 18.47 -19.97
C ARG A 167 -30.95 17.27 -20.11
N ASP A 168 -29.78 17.28 -19.43
CA ASP A 168 -28.85 16.15 -19.55
C ASP A 168 -28.11 15.92 -18.22
N ILE A 169 -28.85 15.97 -17.11
CA ILE A 169 -28.26 15.76 -15.77
C ILE A 169 -27.96 14.27 -15.62
N LYS A 170 -26.69 13.94 -15.31
CA LYS A 170 -26.24 12.56 -15.10
C LYS A 170 -24.86 12.61 -14.42
N SER A 171 -24.40 11.46 -13.86
CA SER A 171 -23.11 11.50 -13.13
C SER A 171 -21.88 11.81 -14.02
N ALA A 172 -21.96 11.52 -15.32
CA ALA A 172 -20.88 11.80 -16.27
C ALA A 172 -20.77 13.33 -16.50
N ASN A 173 -21.86 14.06 -16.24
CA ASN A 173 -21.92 15.50 -16.40
C ASN A 173 -21.78 16.27 -15.08
N ILE A 174 -21.30 15.58 -14.02
CA ILE A 174 -20.98 16.26 -12.75
C ILE A 174 -19.47 16.11 -12.60
N LEU A 175 -18.71 17.21 -12.81
CA LEU A 175 -17.24 17.16 -12.75
C LEU A 175 -16.72 17.56 -11.37
N LEU A 176 -15.46 17.20 -11.07
CA LEU A 176 -14.89 17.40 -9.74
C LEU A 176 -13.55 18.11 -9.82
N ASP A 177 -13.46 19.29 -9.19
CA ASP A 177 -12.24 20.10 -9.26
C ASP A 177 -11.16 19.65 -8.26
N GLU A 178 -10.11 20.48 -8.04
CA GLU A 178 -8.99 20.17 -7.14
C GLU A 178 -9.43 19.98 -5.66
N ALA A 179 -10.64 20.40 -5.30
CA ALA A 179 -11.16 20.26 -3.94
C ALA A 179 -12.39 19.36 -3.89
N PHE A 180 -12.61 18.60 -4.99
CA PHE A 180 -13.76 17.71 -5.18
C PHE A 180 -15.10 18.49 -5.11
N THR A 181 -15.07 19.79 -5.49
CA THR A 181 -16.29 20.59 -5.63
C THR A 181 -17.00 20.14 -6.93
N ALA A 182 -18.31 19.93 -6.84
CA ALA A 182 -19.15 19.49 -7.94
C ALA A 182 -19.33 20.63 -8.92
N LYS A 183 -19.12 20.37 -10.22
CA LYS A 183 -19.23 21.38 -11.27
C LYS A 183 -20.08 20.75 -12.39
N ILE A 184 -21.31 21.21 -12.55
CA ILE A 184 -22.21 20.72 -13.61
C ILE A 184 -21.61 21.08 -14.98
N SER A 185 -21.63 20.12 -15.92
CA SER A 185 -21.13 20.35 -17.28
C SER A 185 -22.18 20.00 -18.35
N ASP A 186 -21.82 20.22 -19.64
CA ASP A 186 -22.57 19.87 -20.85
C ASP A 186 -23.88 20.62 -20.98
N PHE A 187 -23.77 21.84 -21.54
CA PHE A 187 -24.88 22.79 -21.72
C PHE A 187 -25.39 22.89 -23.17
N GLY A 188 -24.90 22.03 -24.06
CA GLY A 188 -25.32 21.99 -25.47
C GLY A 188 -26.81 21.79 -25.68
N LEU A 189 -27.46 20.98 -24.82
CA LEU A 189 -28.90 20.72 -24.93
C LEU A 189 -29.72 21.61 -24.01
N ALA A 190 -29.06 22.49 -23.21
CA ALA A 190 -29.77 23.38 -22.27
C ALA A 190 -30.77 24.30 -22.98
N ARG A 191 -31.90 24.63 -22.30
CA ARG A 191 -32.97 25.46 -22.83
C ARG A 191 -33.38 26.62 -21.89
N ALA A 192 -33.55 27.83 -22.46
CA ALA A 192 -34.03 29.00 -21.73
C ALA A 192 -35.56 28.88 -21.62
N SER A 193 -36.10 29.08 -20.41
CA SER A 193 -37.54 28.97 -20.13
C SER A 193 -38.19 30.32 -19.80
N TPO A 199 -44.74 24.61 -19.67
CA TPO A 199 -44.08 23.41 -20.18
CB TPO A 199 -44.54 22.13 -19.40
CG2 TPO A 199 -44.16 20.82 -20.12
OG1 TPO A 199 -43.87 22.06 -18.12
P TPO A 199 -44.66 22.48 -16.87
O1P TPO A 199 -43.88 22.06 -15.63
O2P TPO A 199 -46.06 21.88 -16.78
O3P TPO A 199 -44.77 24.00 -16.83
C TPO A 199 -44.25 23.33 -21.70
O TPO A 199 -45.37 23.24 -22.21
N VAL A 200 -43.12 23.36 -22.42
CA VAL A 200 -43.07 23.27 -23.89
C VAL A 200 -42.78 21.84 -24.34
N MET A 201 -43.34 21.44 -25.49
CA MET A 201 -43.09 20.10 -26.03
C MET A 201 -42.21 20.15 -27.27
N TPO A 202 -41.36 19.12 -27.43
CA TPO A 202 -40.42 19.00 -28.54
CB TPO A 202 -38.92 19.11 -28.04
CG2 TPO A 202 -38.42 17.94 -27.13
OG1 TPO A 202 -37.91 19.25 -29.09
P TPO A 202 -37.70 20.64 -29.77
O1P TPO A 202 -36.26 20.75 -30.22
O2P TPO A 202 -38.10 21.87 -28.91
O3P TPO A 202 -38.54 20.65 -31.05
C TPO A 202 -40.65 17.73 -29.36
O TPO A 202 -41.09 16.70 -28.82
N SEP A 203 -40.34 17.79 -30.65
CA SEP A 203 -40.44 16.67 -31.58
CB SEP A 203 -40.79 17.25 -32.97
OG SEP A 203 -39.81 18.26 -33.35
C SEP A 203 -39.07 15.96 -31.63
O SEP A 203 -38.92 14.91 -32.29
P SEP A 203 -39.90 18.80 -34.81
O1P SEP A 203 -38.85 18.12 -35.66
O2P SEP A 203 -39.57 20.29 -34.76
O3P SEP A 203 -41.27 18.65 -35.47
N ARG A 204 -38.07 16.54 -30.93
CA ARG A 204 -36.71 16.04 -30.86
C ARG A 204 -36.37 15.57 -29.44
N ILE A 205 -36.60 14.27 -29.17
CA ILE A 205 -36.35 13.67 -27.86
C ILE A 205 -34.86 13.32 -27.75
N VAL A 206 -34.16 14.01 -26.86
CA VAL A 206 -32.73 13.86 -26.64
C VAL A 206 -32.44 13.71 -25.13
N GLY A 207 -31.32 13.07 -24.79
CA GLY A 207 -30.92 12.82 -23.40
C GLY A 207 -30.50 11.39 -23.20
N THR A 208 -30.19 11.00 -21.95
CA THR A 208 -29.75 9.62 -21.65
C THR A 208 -30.89 8.88 -21.01
N THR A 209 -31.43 7.87 -21.73
CA THR A 209 -32.60 7.08 -21.35
C THR A 209 -32.71 6.70 -19.87
N ALA A 210 -31.65 6.11 -19.33
CA ALA A 210 -31.56 5.63 -17.95
C ALA A 210 -31.81 6.70 -16.87
N TYR A 211 -31.67 7.99 -17.22
CA TYR A 211 -31.83 9.11 -16.29
C TYR A 211 -33.09 9.93 -16.54
N MET A 212 -33.71 9.75 -17.72
CA MET A 212 -34.83 10.61 -18.12
C MET A 212 -36.14 10.38 -17.40
N ALA A 213 -36.84 11.48 -17.07
CA ALA A 213 -38.16 11.47 -16.44
C ALA A 213 -39.18 10.90 -17.49
N PRO A 214 -40.30 10.29 -17.05
CA PRO A 214 -41.29 9.78 -18.03
C PRO A 214 -41.81 10.84 -19.00
N GLU A 215 -42.06 12.08 -18.51
CA GLU A 215 -42.54 13.17 -19.37
C GLU A 215 -41.46 13.63 -20.38
N ALA A 216 -40.13 13.55 -20.04
CA ALA A 216 -39.06 13.94 -20.97
C ALA A 216 -38.92 12.95 -22.10
N LEU A 217 -39.16 11.66 -21.81
CA LEU A 217 -39.12 10.58 -22.80
C LEU A 217 -40.29 10.76 -23.77
N ARG A 218 -41.33 11.50 -23.32
CA ARG A 218 -42.53 11.79 -24.11
C ARG A 218 -42.42 13.09 -24.93
N GLY A 219 -41.34 13.83 -24.72
CA GLY A 219 -41.08 15.08 -25.43
C GLY A 219 -41.30 16.36 -24.65
N GLU A 220 -41.70 16.28 -23.36
CA GLU A 220 -41.92 17.49 -22.56
C GLU A 220 -40.57 18.11 -22.17
N ILE A 221 -40.49 19.45 -22.11
CA ILE A 221 -39.29 20.19 -21.72
C ILE A 221 -39.67 20.98 -20.48
N THR A 222 -39.20 20.52 -19.31
CA THR A 222 -39.53 21.13 -18.01
C THR A 222 -38.38 21.00 -17.00
N PRO A 223 -38.16 22.00 -16.11
CA PRO A 223 -37.13 21.86 -15.04
C PRO A 223 -37.43 20.70 -14.08
N LYS A 224 -38.70 20.26 -14.02
CA LYS A 224 -39.15 19.13 -13.21
C LYS A 224 -38.45 17.86 -13.65
N SER A 225 -38.06 17.76 -14.95
CA SER A 225 -37.35 16.58 -15.46
C SER A 225 -35.91 16.57 -14.95
N ASP A 226 -35.30 17.77 -14.75
CA ASP A 226 -33.92 17.84 -14.22
C ASP A 226 -33.91 17.26 -12.79
N ILE A 227 -34.98 17.51 -12.02
CA ILE A 227 -35.15 16.99 -10.65
C ILE A 227 -35.14 15.46 -10.67
N TYR A 228 -35.94 14.87 -11.55
CA TYR A 228 -36.02 13.42 -11.68
C TYR A 228 -34.65 12.82 -11.96
N SER A 229 -33.94 13.35 -12.99
CA SER A 229 -32.61 12.93 -13.37
C SER A 229 -31.63 13.04 -12.17
N PHE A 230 -31.78 14.11 -11.37
CA PHE A 230 -30.94 14.30 -10.18
C PHE A 230 -31.23 13.18 -9.15
N GLY A 231 -32.48 12.72 -9.08
CA GLY A 231 -32.86 11.59 -8.24
C GLY A 231 -32.10 10.33 -8.60
N VAL A 232 -31.90 10.06 -9.90
CA VAL A 232 -31.14 8.90 -10.35
C VAL A 232 -29.66 9.07 -9.90
N VAL A 233 -29.14 10.29 -10.04
CA VAL A 233 -27.75 10.58 -9.62
C VAL A 233 -27.59 10.28 -8.11
N LEU A 234 -28.58 10.67 -7.30
CA LEU A 234 -28.51 10.40 -5.86
C LEU A 234 -28.47 8.90 -5.59
N LEU A 235 -29.21 8.09 -6.39
CA LEU A 235 -29.18 6.64 -6.23
C LEU A 235 -27.79 6.10 -6.58
N GLU A 236 -27.15 6.66 -7.63
CA GLU A 236 -25.78 6.27 -8.01
C GLU A 236 -24.82 6.57 -6.86
N ILE A 237 -24.99 7.71 -6.20
CA ILE A 237 -24.12 8.15 -5.09
C ILE A 237 -24.27 7.17 -3.92
N ILE A 238 -25.50 6.78 -3.62
CA ILE A 238 -25.78 5.87 -2.51
C ILE A 238 -25.22 4.48 -2.75
N THR A 239 -25.50 3.93 -3.94
CA THR A 239 -25.19 2.55 -4.28
C THR A 239 -23.85 2.28 -4.94
N GLY A 240 -23.27 3.29 -5.61
CA GLY A 240 -22.07 3.13 -6.41
C GLY A 240 -22.37 2.39 -7.73
N LEU A 241 -23.66 2.16 -8.01
CA LEU A 241 -24.07 1.42 -9.20
C LEU A 241 -24.31 2.36 -10.37
N PRO A 242 -24.00 1.97 -11.62
CA PRO A 242 -24.34 2.84 -12.77
C PRO A 242 -25.86 2.81 -13.01
N ALA A 243 -26.44 3.91 -13.55
CA ALA A 243 -27.87 4.05 -13.83
C ALA A 243 -28.36 2.90 -14.72
N VAL A 244 -27.48 2.39 -15.59
CA VAL A 244 -27.79 1.25 -16.46
C VAL A 244 -26.57 0.29 -16.55
N ASP A 245 -26.84 -1.01 -16.56
CA ASP A 245 -25.83 -2.06 -16.73
C ASP A 245 -26.55 -3.20 -17.46
N GLU A 246 -26.17 -3.42 -18.74
CA GLU A 246 -26.78 -4.44 -19.61
C GLU A 246 -26.62 -5.88 -19.10
N HIS A 247 -25.53 -6.13 -18.33
CA HIS A 247 -25.20 -7.44 -17.74
C HIS A 247 -25.57 -7.52 -16.24
N ARG A 248 -26.50 -6.66 -15.76
CA ARG A 248 -26.98 -6.63 -14.36
C ARG A 248 -28.49 -6.84 -14.34
N GLU A 249 -29.01 -7.30 -13.19
CA GLU A 249 -30.43 -7.54 -12.93
C GLU A 249 -30.78 -6.83 -11.61
N PRO A 250 -31.60 -5.75 -11.57
CA PRO A 250 -32.26 -5.03 -12.69
C PRO A 250 -31.27 -4.24 -13.54
N GLN A 251 -31.56 -4.10 -14.84
CA GLN A 251 -30.66 -3.38 -15.75
C GLN A 251 -30.65 -1.88 -15.44
N LEU A 252 -31.79 -1.34 -14.99
CA LEU A 252 -31.97 0.07 -14.63
C LEU A 252 -32.02 0.26 -13.12
N LEU A 253 -31.21 1.21 -12.64
CA LEU A 253 -31.10 1.55 -11.24
C LEU A 253 -32.37 2.14 -10.66
N LEU A 254 -33.11 2.99 -11.42
CA LEU A 254 -34.33 3.60 -10.90
C LEU A 254 -35.37 2.54 -10.44
N ASP A 255 -35.28 1.30 -10.96
CA ASP A 255 -36.15 0.19 -10.58
C ASP A 255 -35.98 -0.20 -9.08
N ILE A 256 -34.79 0.08 -8.46
CA ILE A 256 -34.58 -0.26 -7.04
C ILE A 256 -35.56 0.48 -6.11
N LYS A 257 -36.06 1.68 -6.52
CA LYS A 257 -37.06 2.43 -5.75
C LYS A 257 -38.31 1.57 -5.57
N GLU A 258 -38.73 0.83 -6.62
CA GLU A 258 -39.89 -0.05 -6.53
C GLU A 258 -39.58 -1.28 -5.71
N GLU A 259 -38.37 -1.89 -5.91
CA GLU A 259 -37.92 -3.05 -5.13
C GLU A 259 -37.97 -2.74 -3.64
N ILE A 260 -37.54 -1.53 -3.25
CA ILE A 260 -37.55 -1.05 -1.87
C ILE A 260 -38.99 -0.75 -1.42
N GLU A 261 -39.82 -0.10 -2.27
CA GLU A 261 -41.22 0.21 -1.95
C GLU A 261 -42.05 -1.06 -1.71
N ASP A 262 -41.84 -2.08 -2.57
CA ASP A 262 -42.51 -3.39 -2.53
C ASP A 262 -41.83 -4.35 -1.51
N GLU A 263 -41.01 -3.77 -0.59
CA GLU A 263 -40.29 -4.40 0.52
C GLU A 263 -39.54 -5.72 0.18
N GLU A 264 -39.22 -5.96 -1.10
CA GLU A 264 -38.44 -7.14 -1.48
C GLU A 264 -36.93 -6.91 -1.23
N LYS A 265 -36.54 -5.63 -1.04
CA LYS A 265 -35.16 -5.18 -0.76
C LYS A 265 -35.19 -3.97 0.18
N THR A 266 -34.04 -3.69 0.83
CA THR A 266 -33.89 -2.52 1.70
C THR A 266 -32.76 -1.66 1.09
N ILE A 267 -32.62 -0.40 1.53
CA ILE A 267 -31.54 0.45 1.01
C ILE A 267 -30.16 -0.15 1.45
N GLU A 268 -30.08 -0.80 2.65
CA GLU A 268 -28.89 -1.50 3.17
C GLU A 268 -28.40 -2.58 2.20
N ASP A 269 -29.32 -3.25 1.48
CA ASP A 269 -28.96 -4.27 0.46
C ASP A 269 -28.20 -3.63 -0.70
N TYR A 270 -28.49 -2.35 -1.00
CA TYR A 270 -27.89 -1.64 -2.14
C TYR A 270 -26.80 -0.59 -1.79
N ILE A 271 -26.66 -0.14 -0.50
CA ILE A 271 -25.63 0.84 -0.08
C ILE A 271 -24.26 0.38 -0.59
N ASP A 272 -23.48 1.30 -1.19
CA ASP A 272 -22.16 0.97 -1.69
C ASP A 272 -21.33 0.37 -0.56
N LYS A 273 -20.83 -0.84 -0.78
CA LYS A 273 -19.99 -1.53 0.21
C LYS A 273 -18.57 -0.98 0.20
N LYS A 274 -18.23 -0.12 -0.78
CA LYS A 274 -16.89 0.48 -0.89
C LYS A 274 -16.74 1.73 -0.02
N MET A 275 -17.62 1.96 0.94
CA MET A 275 -17.51 3.11 1.86
C MET A 275 -17.38 2.47 3.24
N ASN A 276 -16.81 3.19 4.21
CA ASN A 276 -16.72 2.69 5.59
C ASN A 276 -17.43 3.66 6.57
N ASP A 277 -17.82 4.85 6.10
CA ASP A 277 -18.36 5.94 6.94
C ASP A 277 -19.83 6.30 6.72
N ALA A 278 -20.59 5.43 6.04
CA ALA A 278 -22.00 5.70 5.87
C ALA A 278 -22.70 5.42 7.22
N ASP A 279 -23.76 6.14 7.49
CA ASP A 279 -24.59 5.90 8.67
C ASP A 279 -26.03 5.81 8.14
N SER A 280 -26.86 4.96 8.76
CA SER A 280 -28.27 4.78 8.32
C SER A 280 -29.07 6.08 8.28
N THR A 281 -28.89 6.99 9.27
CA THR A 281 -29.67 8.23 9.35
C THR A 281 -29.51 9.09 8.10
N SER A 282 -28.27 9.47 7.76
CA SER A 282 -28.05 10.34 6.60
C SER A 282 -28.29 9.62 5.26
N VAL A 283 -28.01 8.30 5.17
CA VAL A 283 -28.27 7.49 3.96
C VAL A 283 -29.80 7.45 3.72
N GLU A 284 -30.60 7.19 4.78
CA GLU A 284 -32.06 7.20 4.68
C GLU A 284 -32.58 8.59 4.31
N ALA A 285 -31.92 9.66 4.81
CA ALA A 285 -32.28 11.04 4.46
C ALA A 285 -31.99 11.30 2.96
N MET A 286 -30.84 10.82 2.42
CA MET A 286 -30.53 11.02 0.99
C MET A 286 -31.47 10.20 0.10
N TYR A 287 -31.75 8.95 0.51
CA TYR A 287 -32.66 8.08 -0.21
C TYR A 287 -34.07 8.68 -0.25
N SER A 288 -34.52 9.30 0.85
CA SER A 288 -35.82 9.98 0.89
C SER A 288 -35.86 11.12 -0.12
N VAL A 289 -34.74 11.89 -0.27
CA VAL A 289 -34.66 12.97 -1.26
C VAL A 289 -34.79 12.36 -2.66
N ALA A 290 -34.00 11.31 -2.97
CA ALA A 290 -33.99 10.61 -4.25
C ALA A 290 -35.39 10.09 -4.59
N SER A 291 -36.08 9.45 -3.62
CA SER A 291 -37.44 8.93 -3.81
C SER A 291 -38.43 10.04 -4.24
N GLN A 292 -38.41 11.20 -3.55
CA GLN A 292 -39.25 12.38 -3.83
C GLN A 292 -38.96 12.91 -5.23
N CYS A 293 -37.65 13.00 -5.60
CA CYS A 293 -37.22 13.44 -6.94
C CYS A 293 -37.77 12.54 -8.03
N LEU A 294 -37.86 11.24 -7.73
CA LEU A 294 -38.27 10.19 -8.65
C LEU A 294 -39.79 9.93 -8.72
N HIS A 295 -40.61 10.82 -8.14
CA HIS A 295 -42.06 10.70 -8.21
C HIS A 295 -42.45 10.67 -9.70
N GLU A 296 -43.23 9.65 -10.08
CA GLU A 296 -43.68 9.47 -11.47
C GLU A 296 -44.47 10.69 -11.98
N LYS A 297 -45.17 11.40 -11.08
CA LYS A 297 -45.93 12.61 -11.35
C LYS A 297 -45.05 13.85 -11.09
N LYS A 298 -44.69 14.56 -12.18
CA LYS A 298 -43.83 15.74 -12.15
C LYS A 298 -44.24 16.83 -11.14
N ASN A 299 -45.55 17.11 -10.98
CA ASN A 299 -46.04 18.14 -10.05
C ASN A 299 -45.88 17.77 -8.56
N LYS A 300 -45.72 16.49 -8.25
CA LYS A 300 -45.51 16.01 -6.89
C LYS A 300 -44.02 16.06 -6.48
N ARG A 301 -43.11 16.28 -7.45
CA ARG A 301 -41.67 16.34 -7.18
C ARG A 301 -41.32 17.63 -6.44
N PRO A 302 -40.29 17.61 -5.54
CA PRO A 302 -39.85 18.88 -4.92
C PRO A 302 -39.18 19.74 -6.01
N ASP A 303 -39.19 21.06 -5.83
CA ASP A 303 -38.45 21.90 -6.76
C ASP A 303 -36.97 21.89 -6.25
N ILE A 304 -36.04 22.49 -6.99
CA ILE A 304 -34.62 22.44 -6.60
C ILE A 304 -34.35 23.12 -5.24
N LYS A 305 -35.06 24.20 -4.90
CA LYS A 305 -34.87 24.90 -3.63
C LYS A 305 -35.20 23.95 -2.45
N LYS A 306 -36.24 23.11 -2.60
CA LYS A 306 -36.62 22.14 -1.57
C LYS A 306 -35.56 21.03 -1.50
N VAL A 307 -35.05 20.55 -2.66
CA VAL A 307 -33.98 19.53 -2.71
C VAL A 307 -32.74 20.03 -1.96
N GLN A 308 -32.34 21.30 -2.18
CA GLN A 308 -31.21 21.93 -1.47
C GLN A 308 -31.46 21.93 0.04
N GLN A 309 -32.66 22.37 0.48
CA GLN A 309 -33.04 22.40 1.90
C GLN A 309 -32.95 21.01 2.54
N LEU A 310 -33.48 19.99 1.87
CA LEU A 310 -33.47 18.61 2.34
C LEU A 310 -32.03 18.06 2.43
N LEU A 311 -31.20 18.34 1.40
CA LEU A 311 -29.79 17.92 1.42
C LEU A 311 -28.97 18.65 2.49
N GLN A 312 -29.33 19.92 2.81
CA GLN A 312 -28.66 20.67 3.88
C GLN A 312 -29.04 20.10 5.24
N GLU A 313 -30.33 19.74 5.42
CA GLU A 313 -30.85 19.16 6.67
C GLU A 313 -30.21 17.81 6.96
N MET A 314 -29.94 17.01 5.91
CA MET A 314 -29.30 15.69 5.94
C MET A 314 -27.98 15.71 6.74
N THR A 315 -27.15 16.77 6.58
CA THR A 315 -25.85 16.87 7.27
C THR A 315 -25.82 17.89 8.42
N ALA A 316 -26.98 18.50 8.75
CA ALA A 316 -27.11 19.49 9.83
C ALA A 316 -27.07 18.81 11.20
N THR B 20 3.84 -28.64 15.16
CA THR B 20 5.13 -28.52 15.82
C THR B 20 4.97 -27.75 17.15
N ARG B 21 5.76 -26.68 17.35
CA ARG B 21 5.68 -25.87 18.59
C ARG B 21 4.50 -24.90 18.56
N PHE B 22 3.27 -25.43 18.77
CA PHE B 22 2.05 -24.63 18.83
C PHE B 22 1.64 -24.45 20.27
N HIS B 23 1.26 -23.22 20.64
CA HIS B 23 0.85 -22.89 22.00
C HIS B 23 -0.53 -23.42 22.32
N SER B 24 -0.63 -24.23 23.37
CA SER B 24 -1.91 -24.76 23.81
C SER B 24 -2.49 -23.72 24.76
N PHE B 25 -3.44 -22.93 24.26
CA PHE B 25 -4.11 -21.90 25.06
C PHE B 25 -5.32 -22.52 25.74
N SER B 26 -5.77 -21.95 26.87
CA SER B 26 -7.03 -22.38 27.47
C SER B 26 -8.05 -21.48 26.79
N PHE B 27 -9.32 -21.92 26.71
CA PHE B 27 -10.40 -21.12 26.12
C PHE B 27 -10.52 -19.80 26.86
N TYR B 28 -10.30 -19.84 28.20
CA TYR B 28 -10.35 -18.67 29.07
C TYR B 28 -9.31 -17.61 28.72
N GLU B 29 -8.05 -18.03 28.38
CA GLU B 29 -7.05 -17.04 27.98
C GLU B 29 -7.50 -16.35 26.69
N LEU B 30 -8.07 -17.14 25.75
CA LEU B 30 -8.55 -16.58 24.47
C LEU B 30 -9.75 -15.66 24.64
N LYS B 31 -10.54 -15.82 25.72
CA LYS B 31 -11.61 -14.86 26.03
C LYS B 31 -10.98 -13.49 26.38
N ASN B 32 -9.89 -13.53 27.19
CA ASN B 32 -9.13 -12.32 27.58
C ASN B 32 -8.36 -11.72 26.39
N VAL B 33 -8.07 -12.53 25.36
CA VAL B 33 -7.37 -12.05 24.14
C VAL B 33 -8.37 -11.29 23.23
N THR B 34 -9.60 -11.82 23.12
CA THR B 34 -10.65 -11.37 22.20
C THR B 34 -11.81 -10.57 22.78
N ASN B 35 -11.68 -9.99 24.01
CA ASN B 35 -12.76 -9.24 24.70
C ASN B 35 -14.03 -10.14 24.77
N ASN B 36 -13.83 -11.38 25.28
CA ASN B 36 -14.79 -12.48 25.42
C ASN B 36 -15.54 -12.73 24.11
N PHE B 37 -14.76 -12.91 23.00
CA PHE B 37 -15.25 -13.19 21.65
C PHE B 37 -16.34 -12.20 21.19
N ASP B 38 -16.02 -10.90 21.32
CA ASP B 38 -16.90 -9.78 21.00
C ASP B 38 -17.36 -9.81 19.54
N GLU B 39 -18.63 -10.16 19.33
CA GLU B 39 -19.23 -10.34 18.00
C GLU B 39 -19.50 -9.02 17.22
N ARG B 40 -19.17 -7.84 17.78
CA ARG B 40 -19.34 -6.54 17.09
C ARG B 40 -18.22 -6.37 16.03
N PRO B 41 -18.32 -5.41 15.07
CA PRO B 41 -17.23 -5.25 14.07
C PRO B 41 -15.96 -4.62 14.62
N ASN B 47 -14.87 -7.28 18.05
CA ASN B 47 -13.66 -8.02 17.67
C ASN B 47 -13.85 -8.85 16.39
N LYS B 48 -15.09 -9.01 15.87
CA LYS B 48 -15.36 -9.79 14.66
C LYS B 48 -14.79 -9.10 13.40
N MET B 49 -13.98 -9.83 12.61
CA MET B 49 -13.35 -9.29 11.40
C MET B 49 -14.00 -9.83 10.13
N GLY B 50 -14.58 -11.01 10.25
CA GLY B 50 -15.24 -11.70 9.16
C GLY B 50 -15.60 -13.12 9.56
N GLU B 51 -16.21 -13.83 8.61
CA GLU B 51 -16.61 -15.21 8.83
C GLU B 51 -16.45 -16.05 7.59
N GLY B 52 -16.20 -17.32 7.82
CA GLY B 52 -16.09 -18.34 6.78
C GLY B 52 -17.21 -19.34 6.97
N GLY B 53 -17.21 -20.39 6.16
CA GLY B 53 -18.20 -21.45 6.25
C GLY B 53 -18.02 -22.34 7.47
N PHE B 54 -16.84 -22.27 8.15
CA PHE B 54 -16.51 -23.12 9.29
C PHE B 54 -16.18 -22.37 10.62
N GLY B 55 -16.47 -21.08 10.69
CA GLY B 55 -16.20 -20.32 11.91
C GLY B 55 -16.14 -18.82 11.77
N VAL B 56 -16.07 -18.13 12.93
CA VAL B 56 -16.01 -16.68 13.02
C VAL B 56 -14.59 -16.29 13.43
N VAL B 57 -14.01 -15.29 12.74
CA VAL B 57 -12.65 -14.79 12.95
C VAL B 57 -12.64 -13.47 13.71
N TYR B 58 -11.97 -13.48 14.87
CA TYR B 58 -11.87 -12.35 15.79
C TYR B 58 -10.45 -11.76 15.86
N LYS B 59 -10.35 -10.45 16.06
CA LYS B 59 -9.08 -9.76 16.28
C LYS B 59 -8.79 -9.81 17.78
N GLY B 60 -7.51 -9.98 18.10
CA GLY B 60 -7.06 -10.03 19.48
C GLY B 60 -5.63 -9.57 19.65
N TYR B 61 -5.20 -9.46 20.90
CA TYR B 61 -3.83 -9.08 21.25
C TYR B 61 -3.28 -10.05 22.28
N VAL B 62 -2.14 -10.64 21.96
CA VAL B 62 -1.39 -11.56 22.83
C VAL B 62 -0.13 -10.78 23.05
N ASN B 63 -0.02 -10.13 24.22
CA ASN B 63 1.04 -9.21 24.59
C ASN B 63 0.96 -8.06 23.60
N ASN B 64 2.00 -7.82 22.81
CA ASN B 64 1.90 -6.74 21.84
C ASN B 64 1.67 -7.24 20.42
N THR B 65 1.35 -8.52 20.28
CA THR B 65 1.14 -9.18 18.99
C THR B 65 -0.33 -9.12 18.61
N THR B 66 -0.62 -8.64 17.40
CA THR B 66 -2.01 -8.67 16.93
C THR B 66 -2.22 -10.08 16.40
N VAL B 67 -3.34 -10.70 16.81
CA VAL B 67 -3.65 -12.05 16.36
C VAL B 67 -5.04 -12.12 15.72
N ALA B 68 -5.30 -13.18 14.95
CA ALA B 68 -6.61 -13.48 14.37
C ALA B 68 -7.01 -14.80 15.05
N VAL B 69 -8.16 -14.83 15.75
CA VAL B 69 -8.62 -16.04 16.46
C VAL B 69 -9.87 -16.57 15.77
N LYS B 70 -9.79 -17.78 15.22
CA LYS B 70 -10.92 -18.44 14.57
C LYS B 70 -11.61 -19.39 15.57
N LYS B 71 -12.86 -19.08 15.91
CA LYS B 71 -13.67 -19.91 16.82
C LYS B 71 -14.57 -20.77 15.92
N LEU B 72 -14.33 -22.09 15.85
CA LEU B 72 -15.09 -23.00 14.97
C LEU B 72 -16.56 -23.07 15.35
N ALA B 73 -17.44 -23.19 14.34
CA ALA B 73 -18.91 -23.25 14.50
C ALA B 73 -19.56 -23.87 13.27
N THR B 79 -21.68 -31.64 10.99
CA THR B 79 -21.68 -32.23 12.34
C THR B 79 -20.47 -31.78 13.17
N THR B 80 -20.55 -31.97 14.51
CA THR B 80 -19.50 -31.64 15.48
C THR B 80 -18.24 -32.45 15.22
N GLU B 81 -18.39 -33.77 14.94
CA GLU B 81 -17.29 -34.69 14.63
C GLU B 81 -16.57 -34.29 13.33
N GLU B 82 -17.33 -33.75 12.35
CA GLU B 82 -16.80 -33.27 11.07
C GLU B 82 -15.97 -32.01 11.31
N LEU B 83 -16.50 -31.08 12.15
CA LEU B 83 -15.82 -29.83 12.54
C LEU B 83 -14.53 -30.11 13.33
N LYS B 84 -14.55 -31.12 14.23
CA LYS B 84 -13.40 -31.54 15.04
C LYS B 84 -12.33 -32.20 14.16
N GLN B 85 -12.76 -32.94 13.12
CA GLN B 85 -11.84 -33.59 12.17
C GLN B 85 -11.13 -32.52 11.35
N GLN B 86 -11.84 -31.43 11.02
CA GLN B 86 -11.33 -30.29 10.24
C GLN B 86 -10.35 -29.46 11.10
N PHE B 87 -10.59 -29.40 12.42
CA PHE B 87 -9.75 -28.74 13.40
C PHE B 87 -8.42 -29.47 13.50
N ASP B 88 -8.47 -30.81 13.63
CA ASP B 88 -7.31 -31.69 13.68
C ASP B 88 -6.56 -31.62 12.36
N GLN B 89 -7.31 -31.53 11.24
CA GLN B 89 -6.72 -31.45 9.91
C GLN B 89 -5.94 -30.13 9.75
N GLU B 90 -6.56 -29.00 10.13
CA GLU B 90 -5.90 -27.67 10.05
C GLU B 90 -4.55 -27.68 10.80
N ILE B 91 -4.55 -28.20 12.05
CA ILE B 91 -3.36 -28.27 12.91
C ILE B 91 -2.27 -29.17 12.33
N LYS B 92 -2.66 -30.33 11.78
CA LYS B 92 -1.70 -31.27 11.20
C LYS B 92 -1.03 -30.67 9.97
N VAL B 93 -1.83 -29.99 9.11
CA VAL B 93 -1.29 -29.33 7.91
C VAL B 93 -0.34 -28.22 8.34
N MET B 94 -0.74 -27.40 9.33
CA MET B 94 0.09 -26.29 9.81
C MET B 94 1.37 -26.78 10.51
N ALA B 95 1.31 -27.95 11.17
CA ALA B 95 2.47 -28.57 11.82
C ALA B 95 3.55 -28.97 10.81
N LYS B 96 3.13 -29.51 9.65
CA LYS B 96 4.02 -29.99 8.60
C LYS B 96 4.43 -28.88 7.59
N CYS B 97 3.56 -27.88 7.38
CA CYS B 97 3.77 -26.86 6.36
C CYS B 97 3.97 -25.44 6.89
N GLN B 98 5.19 -24.90 6.79
CA GLN B 98 5.50 -23.51 7.14
C GLN B 98 6.11 -22.87 5.90
N HIS B 99 5.57 -21.74 5.47
CA HIS B 99 6.01 -21.08 4.24
C HIS B 99 5.49 -19.67 4.26
N GLU B 100 6.24 -18.76 3.67
CA GLU B 100 5.86 -17.35 3.64
C GLU B 100 4.51 -17.10 2.90
N ASN B 101 4.07 -18.03 2.03
CA ASN B 101 2.80 -17.90 1.30
C ASN B 101 1.70 -18.78 1.85
N LEU B 102 1.82 -19.16 3.14
CA LEU B 102 0.82 -19.87 3.93
C LEU B 102 0.59 -19.09 5.22
N VAL B 103 -0.65 -19.04 5.69
CA VAL B 103 -0.98 -18.41 6.99
C VAL B 103 -0.18 -19.15 8.07
N GLU B 104 0.13 -18.46 9.18
CA GLU B 104 0.93 -19.05 10.23
C GLU B 104 0.08 -19.23 11.47
N LEU B 105 0.00 -20.48 11.93
CA LEU B 105 -0.74 -20.82 13.15
C LEU B 105 0.19 -20.58 14.37
N LEU B 106 -0.30 -19.85 15.35
CA LEU B 106 0.45 -19.55 16.58
C LEU B 106 0.09 -20.54 17.70
N GLY B 107 -1.18 -20.92 17.75
CA GLY B 107 -1.67 -21.82 18.78
C GLY B 107 -3.11 -22.23 18.57
N PHE B 108 -3.65 -22.97 19.56
CA PHE B 108 -5.03 -23.48 19.51
C PHE B 108 -5.51 -23.66 20.94
N SER B 109 -6.80 -23.98 21.09
CA SER B 109 -7.44 -24.37 22.34
C SER B 109 -8.53 -25.40 21.99
N SER B 110 -8.60 -26.49 22.77
CA SER B 110 -9.59 -27.56 22.59
C SER B 110 -9.96 -28.15 23.96
N ASP B 111 -10.41 -27.27 24.88
CA ASP B 111 -10.78 -27.66 26.26
C ASP B 111 -12.24 -27.37 26.56
N ASP B 114 -15.13 -26.05 23.16
CA ASP B 114 -14.83 -25.14 22.07
C ASP B 114 -13.51 -25.45 21.39
N LEU B 115 -13.43 -25.09 20.10
CA LEU B 115 -12.25 -25.26 19.27
C LEU B 115 -11.82 -23.88 18.75
N CYS B 116 -10.57 -23.50 19.03
CA CYS B 116 -10.03 -22.20 18.59
C CYS B 116 -8.71 -22.35 17.88
N LEU B 117 -8.49 -21.54 16.82
CA LEU B 117 -7.22 -21.51 16.09
C LEU B 117 -6.72 -20.08 16.12
N VAL B 118 -5.47 -19.87 16.57
CA VAL B 118 -4.92 -18.51 16.71
C VAL B 118 -3.84 -18.32 15.65
N TYR B 119 -3.96 -17.28 14.84
CA TYR B 119 -3.04 -17.03 13.72
C TYR B 119 -2.36 -15.69 13.82
N VAL B 120 -1.29 -15.54 13.03
CA VAL B 120 -0.65 -14.24 12.83
C VAL B 120 -1.66 -13.38 12.05
N TYR B 121 -1.92 -12.16 12.55
CA TYR B 121 -2.86 -11.22 11.92
C TYR B 121 -2.39 -10.81 10.52
N MET B 122 -3.35 -10.69 9.58
CA MET B 122 -3.10 -10.32 8.18
C MET B 122 -3.77 -8.96 7.95
N PRO B 123 -3.00 -7.85 8.10
CA PRO B 123 -3.59 -6.50 8.10
C PRO B 123 -4.47 -6.12 6.90
N ASN B 124 -4.26 -6.74 5.72
CA ASN B 124 -5.04 -6.38 4.54
C ASN B 124 -6.16 -7.38 4.18
N GLY B 125 -6.52 -8.22 5.14
CA GLY B 125 -7.63 -9.15 5.00
C GLY B 125 -7.52 -10.11 3.83
N SER B 126 -8.65 -10.36 3.15
CA SER B 126 -8.65 -11.28 2.03
C SER B 126 -8.51 -10.61 0.66
N LEU B 127 -8.06 -11.39 -0.31
CA LEU B 127 -7.97 -10.98 -1.69
C LEU B 127 -9.37 -10.63 -2.19
N LEU B 128 -10.40 -11.42 -1.80
CA LEU B 128 -11.78 -11.12 -2.21
C LEU B 128 -12.17 -9.69 -1.74
N ASP B 129 -11.85 -9.34 -0.48
CA ASP B 129 -12.20 -8.03 0.08
C ASP B 129 -11.43 -6.94 -0.63
N ARG B 130 -10.13 -7.16 -0.91
CA ARG B 130 -9.35 -6.12 -1.56
C ARG B 130 -9.75 -5.93 -3.03
N LEU B 131 -10.11 -7.01 -3.74
CA LEU B 131 -10.60 -6.87 -5.12
C LEU B 131 -11.95 -6.13 -5.17
N SER B 132 -12.79 -6.30 -4.14
CA SER B 132 -14.09 -5.63 -4.13
C SER B 132 -13.99 -4.20 -3.54
N CYS B 133 -12.80 -3.80 -3.05
CA CYS B 133 -12.52 -2.49 -2.40
C CYS B 133 -13.43 -2.30 -1.19
N LEU B 134 -13.68 -3.38 -0.46
CA LEU B 134 -14.53 -3.36 0.71
C LEU B 134 -14.05 -2.33 1.74
N ASP B 135 -15.01 -1.54 2.28
CA ASP B 135 -14.73 -0.52 3.31
C ASP B 135 -13.82 0.65 2.85
N GLY B 136 -13.80 0.93 1.55
CA GLY B 136 -13.10 2.07 0.97
C GLY B 136 -11.61 1.94 0.72
N THR B 137 -11.10 0.69 0.76
CA THR B 137 -9.69 0.48 0.48
C THR B 137 -9.41 0.78 -1.02
N PRO B 138 -8.22 1.28 -1.32
CA PRO B 138 -7.92 1.60 -2.73
C PRO B 138 -7.79 0.33 -3.60
N PRO B 139 -8.17 0.39 -4.90
CA PRO B 139 -8.00 -0.77 -5.79
C PRO B 139 -6.54 -1.20 -5.87
N LEU B 140 -6.33 -2.52 -6.00
CA LEU B 140 -4.99 -3.08 -6.16
C LEU B 140 -4.48 -2.73 -7.53
N SER B 141 -3.20 -2.34 -7.62
CA SER B 141 -2.60 -2.04 -8.92
C SER B 141 -2.36 -3.38 -9.67
N TRP B 142 -2.11 -3.30 -10.99
CA TRP B 142 -1.77 -4.50 -11.75
C TRP B 142 -0.43 -5.06 -11.24
N HIS B 143 0.53 -4.17 -10.91
CA HIS B 143 1.82 -4.62 -10.38
C HIS B 143 1.62 -5.45 -9.11
N MET B 144 0.75 -5.00 -8.20
CA MET B 144 0.48 -5.72 -6.94
C MET B 144 -0.26 -7.03 -7.23
N ARG B 145 -1.22 -6.99 -8.18
CA ARG B 145 -1.97 -8.18 -8.59
C ARG B 145 -1.04 -9.29 -9.11
N CYS B 146 0.00 -8.92 -9.88
CA CYS B 146 0.96 -9.92 -10.38
C CYS B 146 1.74 -10.58 -9.26
N LYS B 147 2.18 -9.79 -8.29
CA LYS B 147 2.92 -10.33 -7.15
C LYS B 147 2.03 -11.23 -6.29
N ILE B 148 0.74 -10.87 -6.15
CA ILE B 148 -0.24 -11.66 -5.38
C ILE B 148 -0.45 -13.00 -6.08
N ALA B 149 -0.64 -13.00 -7.42
CA ALA B 149 -0.82 -14.25 -8.21
C ALA B 149 0.40 -15.15 -8.02
N GLN B 150 1.60 -14.60 -8.15
CA GLN B 150 2.84 -15.38 -7.95
C GLN B 150 2.93 -15.97 -6.56
N GLY B 151 2.64 -15.14 -5.54
CA GLY B 151 2.68 -15.57 -4.14
C GLY B 151 1.72 -16.71 -3.85
N ALA B 152 0.47 -16.55 -4.30
CA ALA B 152 -0.59 -17.56 -4.12
C ALA B 152 -0.17 -18.88 -4.82
N ALA B 153 0.39 -18.81 -6.05
CA ALA B 153 0.86 -20.00 -6.75
C ALA B 153 2.03 -20.67 -5.99
N ASN B 154 2.92 -19.84 -5.39
CA ASN B 154 4.04 -20.37 -4.59
C ASN B 154 3.54 -21.16 -3.37
N GLY B 155 2.50 -20.66 -2.71
CA GLY B 155 1.85 -21.30 -1.56
C GLY B 155 1.23 -22.62 -1.97
N ILE B 156 0.46 -22.63 -3.11
CA ILE B 156 -0.17 -23.86 -3.60
C ILE B 156 0.94 -24.87 -3.99
N ASN B 157 2.02 -24.39 -4.62
CA ASN B 157 3.17 -25.25 -4.99
C ASN B 157 3.73 -25.96 -3.77
N PHE B 158 3.98 -25.19 -2.69
CA PHE B 158 4.47 -25.77 -1.44
C PHE B 158 3.51 -26.85 -0.90
N LEU B 159 2.19 -26.60 -0.92
CA LEU B 159 1.21 -27.58 -0.47
C LEU B 159 1.28 -28.88 -1.26
N HIS B 160 1.30 -28.75 -2.61
CA HIS B 160 1.38 -29.88 -3.53
C HIS B 160 2.69 -30.64 -3.38
N GLU B 161 3.82 -29.92 -3.19
CA GLU B 161 5.13 -30.54 -2.99
C GLU B 161 5.12 -31.38 -1.69
N ASN B 162 4.26 -30.98 -0.73
CA ASN B 162 4.08 -31.62 0.58
C ASN B 162 2.89 -32.58 0.60
N HIS B 163 2.44 -33.00 -0.60
CA HIS B 163 1.38 -33.98 -0.86
C HIS B 163 0.04 -33.66 -0.20
N HIS B 164 -0.36 -32.38 -0.25
CA HIS B 164 -1.66 -31.95 0.27
C HIS B 164 -2.45 -31.30 -0.84
N ILE B 165 -3.71 -31.70 -0.96
CA ILE B 165 -4.67 -31.11 -1.88
C ILE B 165 -5.47 -30.17 -0.96
N HIS B 166 -5.54 -28.88 -1.31
CA HIS B 166 -6.27 -27.90 -0.49
C HIS B 166 -7.79 -28.12 -0.51
N ARG B 167 -8.39 -28.27 -1.72
CA ARG B 167 -9.84 -28.51 -1.95
C ARG B 167 -10.77 -27.30 -1.75
N ASP B 168 -10.23 -26.13 -1.35
CA ASP B 168 -11.09 -24.96 -1.17
C ASP B 168 -10.36 -23.67 -1.54
N ILE B 169 -9.59 -23.70 -2.65
CA ILE B 169 -8.88 -22.50 -3.14
C ILE B 169 -9.92 -21.51 -3.66
N LYS B 170 -9.87 -20.27 -3.14
CA LYS B 170 -10.78 -19.18 -3.52
C LYS B 170 -10.22 -17.87 -3.03
N SER B 171 -10.71 -16.74 -3.56
CA SER B 171 -10.16 -15.44 -3.17
C SER B 171 -10.41 -15.08 -1.70
N ALA B 172 -11.50 -15.66 -1.11
CA ALA B 172 -11.79 -15.42 0.31
C ALA B 172 -10.75 -16.12 1.20
N ASN B 173 -10.04 -17.12 0.66
CA ASN B 173 -9.02 -17.94 1.32
C ASN B 173 -7.59 -17.56 1.01
N ILE B 174 -7.40 -16.41 0.37
CA ILE B 174 -6.07 -15.90 0.08
C ILE B 174 -6.00 -14.60 0.83
N LEU B 175 -5.19 -14.60 1.89
CA LEU B 175 -5.06 -13.46 2.78
C LEU B 175 -3.85 -12.61 2.41
N LEU B 176 -3.87 -11.37 2.85
CA LEU B 176 -2.83 -10.41 2.48
C LEU B 176 -2.27 -9.67 3.71
N ASP B 177 -0.94 -9.66 3.84
CA ASP B 177 -0.31 -9.02 5.00
C ASP B 177 -0.12 -7.50 4.74
N GLU B 178 0.63 -6.78 5.62
CA GLU B 178 0.83 -5.34 5.46
C GLU B 178 1.47 -4.95 4.10
N ALA B 179 2.33 -5.83 3.55
CA ALA B 179 3.02 -5.61 2.27
C ALA B 179 2.31 -6.30 1.07
N PHE B 180 1.09 -6.81 1.29
CA PHE B 180 0.27 -7.49 0.29
C PHE B 180 0.91 -8.81 -0.20
N THR B 181 1.70 -9.47 0.66
CA THR B 181 2.21 -10.82 0.36
C THR B 181 0.97 -11.72 0.55
N ALA B 182 0.75 -12.64 -0.39
CA ALA B 182 -0.41 -13.53 -0.40
C ALA B 182 -0.16 -14.74 0.48
N LYS B 183 -1.13 -15.13 1.31
CA LYS B 183 -1.02 -16.24 2.23
C LYS B 183 -2.23 -17.18 2.02
N ILE B 184 -1.99 -18.43 1.64
CA ILE B 184 -3.08 -19.40 1.49
C ILE B 184 -3.62 -19.73 2.91
N SER B 185 -4.97 -19.77 3.09
CA SER B 185 -5.50 -20.14 4.41
C SER B 185 -6.54 -21.25 4.26
N ASP B 186 -7.09 -21.71 5.40
CA ASP B 186 -8.19 -22.67 5.52
C ASP B 186 -7.86 -24.05 4.98
N PHE B 187 -7.27 -24.87 5.83
CA PHE B 187 -6.80 -26.21 5.52
C PHE B 187 -7.66 -27.32 6.10
N GLY B 188 -8.83 -26.94 6.63
CA GLY B 188 -9.79 -27.86 7.25
C GLY B 188 -10.24 -29.00 6.36
N LEU B 189 -10.39 -28.72 5.05
CA LEU B 189 -10.80 -29.72 4.05
C LEU B 189 -9.64 -30.35 3.28
N ALA B 190 -8.37 -30.03 3.64
CA ALA B 190 -7.21 -30.57 2.94
C ALA B 190 -7.10 -32.08 3.05
N ARG B 191 -6.59 -32.71 1.98
CA ARG B 191 -6.42 -34.17 1.92
C ARG B 191 -5.02 -34.55 1.51
N ALA B 192 -4.50 -35.63 2.10
CA ALA B 192 -3.20 -36.20 1.76
C ALA B 192 -3.30 -36.84 0.37
N SER B 193 -2.27 -36.67 -0.46
CA SER B 193 -2.23 -37.23 -1.82
C SER B 193 -1.07 -38.22 -2.02
N TPO B 199 -6.19 -40.74 -8.71
CA TPO B 199 -7.45 -40.05 -8.45
CB TPO B 199 -8.04 -39.42 -9.77
CG2 TPO B 199 -9.24 -38.51 -9.47
OG1 TPO B 199 -7.06 -38.61 -10.47
P TPO B 199 -6.48 -39.22 -11.80
O1P TPO B 199 -5.49 -40.34 -11.50
O2P TPO B 199 -5.77 -38.08 -12.51
O3P TPO B 199 -7.52 -39.79 -12.77
C TPO B 199 -8.43 -40.96 -7.69
O TPO B 199 -8.66 -42.10 -8.11
N VAL B 200 -8.98 -40.46 -6.57
CA VAL B 200 -9.95 -41.16 -5.71
C VAL B 200 -11.30 -40.41 -5.71
N MET B 201 -12.39 -41.10 -5.33
CA MET B 201 -13.73 -40.50 -5.26
C MET B 201 -14.22 -40.39 -3.81
N TPO B 202 -15.16 -39.47 -3.57
CA TPO B 202 -15.75 -39.22 -2.25
CB TPO B 202 -15.17 -37.92 -1.56
CG2 TPO B 202 -15.44 -36.58 -2.34
OG1 TPO B 202 -15.63 -37.75 -0.20
P TPO B 202 -14.90 -38.54 0.96
O1P TPO B 202 -13.44 -38.93 0.69
O2P TPO B 202 -14.97 -37.66 2.20
O3P TPO B 202 -15.72 -39.82 1.19
C TPO B 202 -17.26 -39.10 -2.32
O TPO B 202 -17.80 -38.68 -3.35
N SEP B 203 -17.94 -39.41 -1.21
CA SEP B 203 -19.39 -39.29 -1.09
CB SEP B 203 -20.03 -40.31 -0.10
OG SEP B 203 -19.02 -41.09 0.63
C SEP B 203 -19.75 -37.85 -0.74
O SEP B 203 -20.67 -37.28 -1.34
P SEP B 203 -19.61 -42.19 1.54
O1P SEP B 203 -18.46 -43.02 2.07
O2P SEP B 203 -20.32 -41.54 2.72
O3P SEP B 203 -20.58 -43.14 0.81
N ARG B 204 -19.00 -37.24 0.21
CA ARG B 204 -19.25 -35.86 0.63
C ARG B 204 -18.58 -34.86 -0.31
N ILE B 205 -19.38 -34.19 -1.16
CA ILE B 205 -18.84 -33.20 -2.08
C ILE B 205 -18.70 -31.87 -1.34
N VAL B 206 -17.45 -31.38 -1.25
CA VAL B 206 -17.11 -30.12 -0.54
C VAL B 206 -16.41 -29.14 -1.49
N GLY B 207 -16.50 -27.88 -1.15
CA GLY B 207 -15.93 -26.78 -1.92
C GLY B 207 -16.96 -25.71 -2.18
N THR B 208 -16.54 -24.65 -2.89
CA THR B 208 -17.38 -23.52 -3.27
C THR B 208 -17.66 -23.72 -4.77
N THR B 209 -18.92 -24.01 -5.14
CA THR B 209 -19.34 -24.38 -6.51
C THR B 209 -18.75 -23.49 -7.62
N ALA B 210 -18.74 -22.17 -7.48
CA ALA B 210 -18.21 -21.23 -8.49
C ALA B 210 -16.70 -21.42 -8.81
N TYR B 211 -15.96 -22.13 -7.93
CA TYR B 211 -14.53 -22.38 -8.12
C TYR B 211 -14.25 -23.85 -8.46
N MET B 212 -15.27 -24.70 -8.44
CA MET B 212 -15.06 -26.13 -8.60
C MET B 212 -14.94 -26.64 -10.01
N ALA B 213 -13.93 -27.50 -10.21
CA ALA B 213 -13.65 -28.19 -11.46
C ALA B 213 -14.80 -29.18 -11.75
N PRO B 214 -15.06 -29.53 -13.04
CA PRO B 214 -16.13 -30.53 -13.33
C PRO B 214 -15.91 -31.85 -12.58
N GLU B 215 -14.66 -32.37 -12.55
CA GLU B 215 -14.37 -33.63 -11.85
C GLU B 215 -14.61 -33.53 -10.33
N ALA B 216 -14.39 -32.34 -9.70
CA ALA B 216 -14.61 -32.11 -8.27
C ALA B 216 -16.11 -32.16 -7.97
N LEU B 217 -16.92 -31.63 -8.91
CA LEU B 217 -18.37 -31.66 -8.79
C LEU B 217 -18.88 -33.11 -8.95
N ARG B 218 -18.15 -33.97 -9.68
CA ARG B 218 -18.46 -35.39 -9.86
C ARG B 218 -17.99 -36.24 -8.67
N GLY B 219 -17.28 -35.62 -7.72
CA GLY B 219 -16.80 -36.30 -6.52
C GLY B 219 -15.36 -36.75 -6.53
N GLU B 220 -14.59 -36.39 -7.58
CA GLU B 220 -13.19 -36.79 -7.65
C GLU B 220 -12.34 -35.89 -6.77
N ILE B 221 -11.29 -36.45 -6.18
CA ILE B 221 -10.34 -35.75 -5.32
C ILE B 221 -8.99 -35.85 -6.03
N THR B 222 -8.48 -34.70 -6.52
CA THR B 222 -7.21 -34.61 -7.25
C THR B 222 -6.59 -33.20 -7.09
N PRO B 223 -5.24 -33.07 -7.02
CA PRO B 223 -4.63 -31.73 -7.01
C PRO B 223 -4.96 -30.92 -8.27
N LYS B 224 -5.37 -31.60 -9.37
CA LYS B 224 -5.72 -30.96 -10.63
C LYS B 224 -6.92 -30.02 -10.43
N SER B 225 -7.79 -30.34 -9.44
CA SER B 225 -8.94 -29.50 -9.10
C SER B 225 -8.50 -28.18 -8.46
N ASP B 226 -7.38 -28.19 -7.69
CA ASP B 226 -6.81 -26.98 -7.07
C ASP B 226 -6.31 -26.02 -8.17
N ILE B 227 -5.74 -26.58 -9.27
CA ILE B 227 -5.30 -25.79 -10.41
C ILE B 227 -6.51 -25.05 -10.99
N TYR B 228 -7.61 -25.76 -11.25
CA TYR B 228 -8.83 -25.19 -11.80
C TYR B 228 -9.36 -24.00 -10.96
N SER B 229 -9.46 -24.21 -9.63
CA SER B 229 -9.94 -23.19 -8.69
C SER B 229 -9.00 -21.94 -8.77
N PHE B 230 -7.69 -22.19 -8.92
CA PHE B 230 -6.69 -21.11 -9.04
C PHE B 230 -6.93 -20.31 -10.34
N GLY B 231 -7.37 -21.01 -11.41
CA GLY B 231 -7.74 -20.36 -12.66
C GLY B 231 -8.85 -19.35 -12.46
N VAL B 232 -9.89 -19.71 -11.66
CA VAL B 232 -11.00 -18.81 -11.32
C VAL B 232 -10.44 -17.60 -10.55
N VAL B 233 -9.53 -17.86 -9.59
CA VAL B 233 -8.88 -16.78 -8.81
C VAL B 233 -8.15 -15.83 -9.77
N LEU B 234 -7.43 -16.39 -10.75
CA LEU B 234 -6.72 -15.54 -11.74
C LEU B 234 -7.71 -14.69 -12.54
N LEU B 235 -8.86 -15.23 -12.90
CA LEU B 235 -9.88 -14.40 -13.59
C LEU B 235 -10.40 -13.28 -12.66
N GLU B 236 -10.56 -13.56 -11.36
CA GLU B 236 -10.99 -12.53 -10.40
C GLU B 236 -9.94 -11.42 -10.33
N ILE B 237 -8.67 -11.79 -10.31
CA ILE B 237 -7.55 -10.83 -10.27
C ILE B 237 -7.56 -9.95 -11.53
N ILE B 238 -7.81 -10.55 -12.70
CA ILE B 238 -7.81 -9.78 -13.95
C ILE B 238 -9.00 -8.81 -14.05
N THR B 239 -10.19 -9.29 -13.71
CA THR B 239 -11.45 -8.59 -13.92
C THR B 239 -11.99 -7.79 -12.75
N GLY B 240 -11.57 -8.14 -11.53
CA GLY B 240 -12.12 -7.56 -10.31
C GLY B 240 -13.57 -8.01 -10.09
N LEU B 241 -14.05 -9.01 -10.88
CA LEU B 241 -15.43 -9.49 -10.75
C LEU B 241 -15.52 -10.66 -9.76
N PRO B 242 -16.63 -10.79 -9.00
CA PRO B 242 -16.76 -11.97 -8.11
C PRO B 242 -16.95 -13.23 -8.96
N ALA B 243 -16.54 -14.39 -8.42
CA ALA B 243 -16.63 -15.68 -9.11
C ALA B 243 -18.06 -16.05 -9.50
N VAL B 244 -19.03 -15.64 -8.68
CA VAL B 244 -20.45 -15.82 -8.94
C VAL B 244 -21.19 -14.54 -8.60
N ASP B 245 -22.13 -14.17 -9.45
CA ASP B 245 -23.01 -13.04 -9.26
C ASP B 245 -24.34 -13.41 -9.92
N GLU B 246 -25.31 -13.80 -9.08
CA GLU B 246 -26.64 -14.22 -9.51
C GLU B 246 -27.40 -13.12 -10.27
N HIS B 247 -27.07 -11.83 -9.97
CA HIS B 247 -27.66 -10.67 -10.62
C HIS B 247 -26.78 -10.14 -11.79
N ARG B 248 -25.97 -11.05 -12.41
CA ARG B 248 -25.08 -10.76 -13.54
C ARG B 248 -25.19 -11.81 -14.65
N GLU B 249 -24.83 -11.43 -15.88
CA GLU B 249 -24.78 -12.32 -17.05
C GLU B 249 -23.34 -12.29 -17.64
N PRO B 250 -22.56 -13.42 -17.66
CA PRO B 250 -22.89 -14.74 -17.12
C PRO B 250 -22.80 -14.77 -15.59
N GLN B 251 -23.57 -15.66 -14.95
CA GLN B 251 -23.55 -15.75 -13.49
C GLN B 251 -22.17 -16.20 -13.01
N LEU B 252 -21.55 -17.14 -13.73
CA LEU B 252 -20.24 -17.69 -13.37
C LEU B 252 -19.10 -17.07 -14.14
N LEU B 253 -18.14 -16.47 -13.41
CA LEU B 253 -16.96 -15.86 -14.00
C LEU B 253 -16.21 -16.80 -14.94
N LEU B 254 -16.11 -18.12 -14.60
CA LEU B 254 -15.40 -19.09 -15.44
C LEU B 254 -15.96 -19.15 -16.89
N ASP B 255 -17.23 -18.75 -17.08
CA ASP B 255 -17.87 -18.75 -18.39
C ASP B 255 -17.37 -17.66 -19.32
N ILE B 256 -16.63 -16.63 -18.81
CA ILE B 256 -16.09 -15.62 -19.73
C ILE B 256 -15.00 -16.22 -20.67
N LYS B 257 -14.35 -17.33 -20.26
CA LYS B 257 -13.33 -18.01 -21.05
C LYS B 257 -13.89 -18.45 -22.44
N GLU B 258 -15.10 -19.03 -22.44
CA GLU B 258 -15.80 -19.52 -23.63
C GLU B 258 -16.24 -18.36 -24.51
N GLU B 259 -16.65 -17.24 -23.88
CA GLU B 259 -17.05 -16.00 -24.57
C GLU B 259 -15.88 -15.43 -25.36
N ILE B 260 -14.67 -15.44 -24.76
CA ILE B 260 -13.43 -14.97 -25.37
C ILE B 260 -12.95 -15.93 -26.47
N GLU B 261 -13.09 -17.26 -26.24
CA GLU B 261 -12.74 -18.31 -27.21
C GLU B 261 -13.62 -18.20 -28.47
N ASP B 262 -14.95 -18.01 -28.28
CA ASP B 262 -15.96 -17.86 -29.34
C ASP B 262 -15.97 -16.47 -29.99
N GLU B 263 -15.08 -15.56 -29.51
CA GLU B 263 -14.88 -14.18 -29.97
C GLU B 263 -16.14 -13.27 -29.82
N GLU B 264 -17.06 -13.61 -28.87
CA GLU B 264 -18.20 -12.75 -28.60
C GLU B 264 -17.77 -11.61 -27.64
N LYS B 265 -16.56 -11.75 -27.05
CA LYS B 265 -15.92 -10.81 -26.12
C LYS B 265 -14.39 -10.92 -26.21
N THR B 266 -13.66 -9.91 -25.73
CA THR B 266 -12.20 -9.89 -25.68
C THR B 266 -11.79 -9.80 -24.20
N ILE B 267 -10.53 -10.09 -23.84
CA ILE B 267 -10.11 -9.93 -22.45
C ILE B 267 -10.16 -8.41 -22.06
N GLU B 268 -9.93 -7.49 -23.05
CA GLU B 268 -10.04 -6.03 -22.86
C GLU B 268 -11.45 -5.61 -22.41
N ASP B 269 -12.51 -6.31 -22.88
CA ASP B 269 -13.88 -6.03 -22.44
C ASP B 269 -14.04 -6.34 -20.95
N TYR B 270 -13.24 -7.29 -20.44
CA TYR B 270 -13.38 -7.75 -19.08
C TYR B 270 -12.34 -7.23 -18.10
N ILE B 271 -11.19 -6.66 -18.56
CA ILE B 271 -10.13 -6.16 -17.66
C ILE B 271 -10.73 -5.19 -16.64
N ASP B 272 -10.30 -5.32 -15.38
CA ASP B 272 -10.76 -4.43 -14.31
C ASP B 272 -10.42 -3.00 -14.75
N LYS B 273 -11.41 -2.13 -14.77
CA LYS B 273 -11.20 -0.73 -15.13
C LYS B 273 -10.62 0.09 -13.95
N LYS B 274 -10.54 -0.53 -12.75
CA LYS B 274 -10.01 0.11 -11.55
C LYS B 274 -8.48 0.01 -11.39
N MET B 275 -7.75 0.03 -12.50
CA MET B 275 -6.29 0.09 -12.47
C MET B 275 -5.84 0.88 -13.71
N ASN B 276 -4.68 1.49 -13.64
CA ASN B 276 -4.20 2.23 -14.81
C ASN B 276 -2.80 1.80 -15.25
N ASP B 277 -2.25 0.73 -14.62
CA ASP B 277 -0.90 0.22 -14.89
C ASP B 277 -0.90 -1.18 -15.51
N ALA B 278 -2.04 -1.61 -16.09
CA ALA B 278 -2.16 -2.93 -16.71
C ALA B 278 -1.75 -2.95 -18.19
N ASP B 279 -0.55 -3.49 -18.48
CA ASP B 279 -0.08 -3.58 -19.87
C ASP B 279 -0.67 -4.82 -20.55
N SER B 280 -1.04 -4.69 -21.83
CA SER B 280 -1.64 -5.75 -22.64
C SER B 280 -0.86 -7.06 -22.64
N THR B 281 0.47 -7.02 -22.72
CA THR B 281 1.33 -8.21 -22.76
C THR B 281 1.21 -9.06 -21.47
N SER B 282 1.39 -8.44 -20.27
CA SER B 282 1.29 -9.19 -19.02
C SER B 282 -0.14 -9.63 -18.74
N VAL B 283 -1.15 -8.79 -19.08
CA VAL B 283 -2.57 -9.16 -18.93
C VAL B 283 -2.88 -10.40 -19.81
N GLU B 284 -2.44 -10.38 -21.08
CA GLU B 284 -2.64 -11.52 -21.98
C GLU B 284 -1.88 -12.76 -21.45
N ALA B 285 -0.70 -12.56 -20.83
CA ALA B 285 0.09 -13.65 -20.25
C ALA B 285 -0.64 -14.26 -19.03
N MET B 286 -1.19 -13.42 -18.11
CA MET B 286 -1.97 -13.97 -16.98
C MET B 286 -3.23 -14.68 -17.45
N TYR B 287 -3.94 -14.11 -18.45
CA TYR B 287 -5.16 -14.70 -18.98
C TYR B 287 -4.87 -16.07 -19.59
N SER B 288 -3.76 -16.19 -20.33
CA SER B 288 -3.36 -17.46 -20.93
C SER B 288 -3.13 -18.52 -19.82
N VAL B 289 -2.50 -18.12 -18.68
CA VAL B 289 -2.32 -19.04 -17.53
C VAL B 289 -3.68 -19.47 -16.99
N ALA B 290 -4.59 -18.51 -16.77
CA ALA B 290 -5.96 -18.76 -16.27
C ALA B 290 -6.69 -19.71 -17.23
N SER B 291 -6.55 -19.49 -18.55
CA SER B 291 -7.22 -20.31 -19.57
C SER B 291 -6.73 -21.76 -19.49
N GLN B 292 -5.42 -21.94 -19.38
CA GLN B 292 -4.80 -23.28 -19.24
C GLN B 292 -5.27 -23.97 -17.96
N CYS B 293 -5.35 -23.22 -16.84
CA CYS B 293 -5.82 -23.76 -15.55
C CYS B 293 -7.26 -24.23 -15.65
N LEU B 294 -8.06 -23.52 -16.46
CA LEU B 294 -9.48 -23.82 -16.59
C LEU B 294 -9.80 -24.83 -17.70
N HIS B 295 -8.79 -25.61 -18.13
CA HIS B 295 -9.04 -26.64 -19.14
C HIS B 295 -10.09 -27.60 -18.59
N GLU B 296 -11.12 -27.87 -19.39
CA GLU B 296 -12.20 -28.76 -18.98
C GLU B 296 -11.69 -30.20 -18.73
N LYS B 297 -10.65 -30.63 -19.46
CA LYS B 297 -10.02 -31.95 -19.30
C LYS B 297 -8.95 -31.77 -18.23
N LYS B 298 -9.13 -32.41 -17.07
CA LYS B 298 -8.20 -32.30 -15.93
C LYS B 298 -6.73 -32.64 -16.28
N ASN B 299 -6.51 -33.63 -17.17
CA ASN B 299 -5.16 -34.05 -17.55
C ASN B 299 -4.51 -33.08 -18.54
N LYS B 300 -5.26 -32.11 -19.09
CA LYS B 300 -4.69 -31.13 -20.01
C LYS B 300 -4.30 -29.85 -19.27
N ARG B 301 -4.65 -29.75 -17.98
CA ARG B 301 -4.24 -28.58 -17.18
C ARG B 301 -2.77 -28.65 -16.82
N PRO B 302 -2.07 -27.50 -16.68
CA PRO B 302 -0.68 -27.56 -16.22
C PRO B 302 -0.65 -27.95 -14.74
N ASP B 303 0.47 -28.50 -14.25
CA ASP B 303 0.59 -28.75 -12.81
C ASP B 303 1.00 -27.41 -12.14
N ILE B 304 1.02 -27.34 -10.82
CA ILE B 304 1.33 -26.07 -10.13
C ILE B 304 2.75 -25.53 -10.42
N LYS B 305 3.74 -26.42 -10.61
CA LYS B 305 5.10 -25.95 -10.95
C LYS B 305 5.11 -25.19 -12.29
N LYS B 306 4.36 -25.68 -13.31
CA LYS B 306 4.29 -25.01 -14.60
C LYS B 306 3.55 -23.66 -14.42
N VAL B 307 2.49 -23.63 -13.60
CA VAL B 307 1.73 -22.37 -13.36
C VAL B 307 2.70 -21.32 -12.75
N GLN B 308 3.50 -21.75 -11.77
CA GLN B 308 4.50 -20.95 -11.07
C GLN B 308 5.49 -20.38 -12.09
N GLN B 309 6.01 -21.24 -12.99
CA GLN B 309 6.95 -20.87 -14.05
C GLN B 309 6.38 -19.86 -15.03
N LEU B 310 5.12 -20.07 -15.48
CA LEU B 310 4.46 -19.16 -16.40
C LEU B 310 4.25 -17.78 -15.80
N LEU B 311 3.82 -17.73 -14.51
CA LEU B 311 3.62 -16.44 -13.81
C LEU B 311 4.97 -15.73 -13.61
N GLN B 312 6.05 -16.49 -13.39
CA GLN B 312 7.43 -15.97 -13.28
C GLN B 312 7.85 -15.31 -14.61
N GLU B 313 7.58 -16.00 -15.74
CA GLU B 313 7.88 -15.53 -17.11
C GLU B 313 7.06 -14.29 -17.46
N MET B 314 5.83 -14.19 -16.90
CA MET B 314 4.90 -13.06 -17.12
C MET B 314 5.53 -11.75 -16.62
N THR B 315 6.26 -11.81 -15.48
CA THR B 315 6.93 -10.68 -14.84
C THR B 315 8.31 -10.41 -15.49
N PHE C 22 -17.90 24.16 10.08
CA PHE C 22 -17.31 23.20 11.01
C PHE C 22 -18.24 22.91 12.17
N HIS C 23 -18.23 21.65 12.64
CA HIS C 23 -19.07 21.18 13.72
C HIS C 23 -18.47 21.53 15.07
N SER C 24 -19.30 22.11 15.97
CA SER C 24 -18.87 22.43 17.32
C SER C 24 -19.21 21.23 18.23
N PHE C 25 -18.19 20.50 18.69
CA PHE C 25 -18.35 19.36 19.59
C PHE C 25 -18.17 19.82 21.04
N SER C 26 -18.76 19.10 22.03
CA SER C 26 -18.52 19.41 23.42
C SER C 26 -17.32 18.51 23.78
N PHE C 27 -16.38 19.01 24.58
CA PHE C 27 -15.17 18.23 24.93
C PHE C 27 -15.48 16.76 25.35
N TYR C 28 -16.55 16.55 26.15
CA TYR C 28 -16.95 15.21 26.63
C TYR C 28 -17.28 14.23 25.47
N GLU C 29 -17.86 14.74 24.34
CA GLU C 29 -18.19 13.93 23.15
C GLU C 29 -16.92 13.36 22.59
N LEU C 30 -15.85 14.19 22.48
CA LEU C 30 -14.56 13.76 21.99
C LEU C 30 -13.85 12.90 22.99
N LYS C 31 -14.05 13.18 24.29
CA LYS C 31 -13.46 12.33 25.31
C LYS C 31 -14.12 10.94 25.15
N ASN C 32 -15.45 10.90 24.97
CA ASN C 32 -16.29 9.69 24.78
C ASN C 32 -15.87 8.88 23.54
N VAL C 33 -15.61 9.57 22.40
CA VAL C 33 -15.31 8.88 21.13
C VAL C 33 -13.80 8.54 20.90
N THR C 34 -12.88 8.92 21.80
CA THR C 34 -11.46 8.55 21.63
C THR C 34 -11.01 7.51 22.71
N ASN C 35 -11.98 6.93 23.44
CA ASN C 35 -11.76 5.98 24.55
C ASN C 35 -10.90 6.66 25.61
N ASN C 36 -11.28 7.90 26.03
CA ASN C 36 -10.53 8.72 26.99
C ASN C 36 -9.10 9.02 26.47
N PHE C 37 -8.98 9.36 25.17
CA PHE C 37 -7.71 9.67 24.55
C PHE C 37 -6.65 8.60 24.92
N ASP C 38 -7.01 7.29 24.76
CA ASP C 38 -6.16 6.13 25.08
C ASP C 38 -4.77 6.30 24.48
N GLU C 39 -3.76 6.39 25.37
CA GLU C 39 -2.35 6.65 25.08
C GLU C 39 -1.58 5.49 24.48
N ARG C 40 -2.13 4.26 24.54
CA ARG C 40 -1.44 3.11 23.94
C ARG C 40 -1.37 3.35 22.43
N PRO C 41 -0.31 2.87 21.76
CA PRO C 41 -0.28 3.00 20.29
C PRO C 41 -1.47 2.28 19.65
N ILE C 42 -1.79 2.65 18.39
CA ILE C 42 -2.84 2.03 17.59
C ILE C 42 -2.46 0.56 17.40
N SER C 43 -1.16 0.34 17.14
CA SER C 43 -0.52 -0.94 16.90
C SER C 43 -0.75 -1.97 18.01
N VAL C 44 -1.19 -1.53 19.23
CA VAL C 44 -1.44 -2.43 20.36
C VAL C 44 -2.87 -2.23 21.00
N GLY C 45 -3.82 -1.75 20.19
CA GLY C 45 -5.23 -1.58 20.58
C GLY C 45 -5.66 -0.30 21.27
N GLY C 46 -4.80 0.72 21.24
CA GLY C 46 -5.08 2.02 21.85
C GLY C 46 -5.55 3.04 20.84
N ASN C 47 -5.46 4.37 21.18
CA ASN C 47 -5.91 5.38 20.22
C ASN C 47 -4.82 6.38 19.78
N LYS C 48 -3.62 6.30 20.39
CA LYS C 48 -2.52 7.23 20.09
C LYS C 48 -1.91 6.97 18.72
N MET C 49 -1.98 7.97 17.83
CA MET C 49 -1.45 7.87 16.48
C MET C 49 -0.14 8.62 16.33
N GLY C 50 -0.02 9.75 17.04
CA GLY C 50 1.20 10.54 17.01
C GLY C 50 1.12 11.83 17.78
N GLU C 51 2.27 12.48 17.92
CA GLU C 51 2.35 13.76 18.60
C GLU C 51 3.25 14.71 17.86
N GLY C 52 3.01 15.99 18.09
CA GLY C 52 3.75 17.09 17.51
C GLY C 52 3.98 18.12 18.60
N GLY C 53 4.64 19.21 18.23
CA GLY C 53 4.93 20.29 19.17
C GLY C 53 3.72 20.96 19.79
N PHE C 54 2.54 20.86 19.12
CA PHE C 54 1.33 21.53 19.63
C PHE C 54 0.19 20.57 20.03
N GLY C 55 0.49 19.29 20.24
CA GLY C 55 -0.49 18.33 20.71
C GLY C 55 -0.30 16.90 20.28
N VAL C 56 -1.13 16.02 20.84
CA VAL C 56 -1.13 14.58 20.53
C VAL C 56 -2.41 14.37 19.72
N VAL C 57 -2.36 13.44 18.77
CA VAL C 57 -3.49 13.13 17.91
C VAL C 57 -3.90 11.68 18.17
N TYR C 58 -5.21 11.50 18.37
CA TYR C 58 -5.85 10.24 18.71
C TYR C 58 -6.93 9.88 17.73
N LYS C 59 -7.14 8.56 17.53
CA LYS C 59 -8.16 8.02 16.66
C LYS C 59 -9.49 8.17 17.41
N GLY C 60 -10.47 8.77 16.75
CA GLY C 60 -11.81 8.98 17.28
C GLY C 60 -12.79 8.33 16.33
N TYR C 61 -13.98 7.98 16.86
CA TYR C 61 -14.99 7.34 16.07
C TYR C 61 -16.33 7.99 16.35
N VAL C 62 -16.84 8.77 15.39
CA VAL C 62 -18.04 9.62 15.52
C VAL C 62 -18.98 9.35 14.36
N ASN C 63 -20.25 8.97 14.66
CA ASN C 63 -21.24 8.72 13.60
C ASN C 63 -20.67 7.83 12.47
N ASN C 64 -20.10 6.66 12.83
CA ASN C 64 -19.51 5.64 11.93
C ASN C 64 -18.28 6.14 11.16
N THR C 65 -17.77 7.32 11.52
CA THR C 65 -16.61 7.93 10.85
C THR C 65 -15.38 7.89 11.74
N THR C 66 -14.26 7.38 11.20
CA THR C 66 -13.01 7.44 11.93
C THR C 66 -12.48 8.87 11.71
N VAL C 67 -12.11 9.55 12.79
CA VAL C 67 -11.63 10.93 12.71
C VAL C 67 -10.31 11.03 13.45
N ALA C 68 -9.53 12.07 13.14
CA ALA C 68 -8.30 12.36 13.88
C ALA C 68 -8.69 13.47 14.80
N VAL C 69 -8.39 13.31 16.11
CA VAL C 69 -8.74 14.33 17.09
C VAL C 69 -7.42 14.77 17.73
N LYS C 70 -7.07 16.05 17.50
CA LYS C 70 -5.85 16.63 18.05
C LYS C 70 -6.22 17.24 19.37
N LYS C 71 -5.53 16.81 20.43
CA LYS C 71 -5.78 17.31 21.79
C LYS C 71 -4.62 18.26 22.00
N LEU C 72 -4.90 19.56 21.83
CA LEU C 72 -3.87 20.60 21.87
C LEU C 72 -3.22 20.67 23.23
N ALA C 73 -1.90 20.90 23.22
CA ALA C 73 -1.06 21.00 24.42
C ALA C 73 0.26 21.64 24.00
N ALA C 74 0.81 22.50 24.85
CA ALA C 74 2.10 23.15 24.58
C ALA C 74 3.23 22.16 24.89
N MET C 75 3.61 21.36 23.88
CA MET C 75 4.68 20.34 24.01
C MET C 75 6.04 20.92 23.64
N VAL C 76 6.05 22.18 23.14
CA VAL C 76 7.23 22.99 22.83
C VAL C 76 7.12 24.31 23.61
N ASP C 77 8.19 25.15 23.62
CA ASP C 77 8.25 26.42 24.35
C ASP C 77 7.31 27.52 23.83
N ILE C 78 5.99 27.37 24.12
CA ILE C 78 4.92 28.31 23.77
C ILE C 78 3.98 28.47 24.97
N THR C 79 3.27 29.62 25.05
CA THR C 79 2.33 29.91 26.16
C THR C 79 0.93 29.39 25.86
N THR C 80 0.07 29.36 26.91
CA THR C 80 -1.34 28.95 26.84
C THR C 80 -2.10 29.90 25.90
N GLU C 81 -1.84 31.21 26.01
CA GLU C 81 -2.46 32.26 25.19
C GLU C 81 -2.05 32.11 23.71
N GLU C 82 -0.78 31.74 23.46
CA GLU C 82 -0.23 31.50 22.11
C GLU C 82 -0.87 30.24 21.51
N LEU C 83 -1.02 29.16 22.32
CA LEU C 83 -1.67 27.93 21.90
C LEU C 83 -3.12 28.21 21.46
N LYS C 84 -3.87 29.03 22.26
CA LYS C 84 -5.25 29.44 21.93
C LYS C 84 -5.29 30.24 20.62
N GLN C 85 -4.30 31.15 20.41
CA GLN C 85 -4.18 31.94 19.18
C GLN C 85 -3.93 31.01 17.96
N GLN C 86 -3.10 29.97 18.12
CA GLN C 86 -2.77 28.99 17.07
C GLN C 86 -4.01 28.17 16.68
N PHE C 87 -4.82 27.80 17.68
CA PHE C 87 -6.08 27.06 17.49
C PHE C 87 -7.02 27.91 16.64
N ASP C 88 -7.15 29.23 16.94
CA ASP C 88 -8.02 30.14 16.17
C ASP C 88 -7.55 30.32 14.73
N GLN C 89 -6.22 30.43 14.54
CA GLN C 89 -5.62 30.61 13.22
C GLN C 89 -5.84 29.38 12.34
N GLU C 90 -5.67 28.18 12.92
CA GLU C 90 -5.87 26.90 12.23
C GLU C 90 -7.29 26.83 11.66
N ILE C 91 -8.29 27.21 12.47
CA ILE C 91 -9.69 27.24 12.03
C ILE C 91 -9.91 28.23 10.90
N LYS C 92 -9.31 29.44 11.00
CA LYS C 92 -9.49 30.47 9.98
C LYS C 92 -8.90 30.03 8.62
N VAL C 93 -7.70 29.46 8.65
CA VAL C 93 -7.03 28.97 7.44
C VAL C 93 -7.86 27.87 6.78
N MET C 94 -8.34 26.92 7.60
CA MET C 94 -9.15 25.78 7.11
C MET C 94 -10.50 26.19 6.54
N ALA C 95 -11.07 27.28 7.04
CA ALA C 95 -12.34 27.77 6.50
C ALA C 95 -12.15 28.37 5.09
N LYS C 96 -10.96 28.94 4.81
CA LYS C 96 -10.65 29.57 3.51
C LYS C 96 -9.96 28.63 2.50
N CYS C 97 -9.19 27.65 2.98
CA CYS C 97 -8.38 26.77 2.13
C CYS C 97 -8.88 25.34 2.08
N GLN C 98 -9.45 24.93 0.94
CA GLN C 98 -9.89 23.56 0.69
C GLN C 98 -9.22 23.10 -0.60
N HIS C 99 -8.47 21.99 -0.53
CA HIS C 99 -7.72 21.50 -1.70
C HIS C 99 -7.35 20.07 -1.37
N GLU C 100 -7.32 19.21 -2.40
CA GLU C 100 -6.99 17.79 -2.18
C GLU C 100 -5.60 17.54 -1.59
N ASN C 101 -4.67 18.53 -1.62
CA ASN C 101 -3.37 18.30 -0.97
C ASN C 101 -3.24 19.02 0.37
N LEU C 102 -4.39 19.32 0.98
CA LEU C 102 -4.48 19.92 2.31
C LEU C 102 -5.37 19.08 3.17
N VAL C 103 -5.05 18.99 4.47
CA VAL C 103 -5.93 18.29 5.41
C VAL C 103 -7.29 19.00 5.43
N GLU C 104 -8.36 18.29 5.86
CA GLU C 104 -9.72 18.84 5.87
C GLU C 104 -10.25 18.83 7.29
N LEU C 105 -10.57 20.01 7.80
CA LEU C 105 -11.14 20.11 9.15
C LEU C 105 -12.66 19.80 9.09
N LEU C 106 -13.13 19.03 10.07
CA LEU C 106 -14.55 18.67 10.20
C LEU C 106 -15.16 19.45 11.36
N GLY C 107 -14.42 19.61 12.46
CA GLY C 107 -14.92 20.32 13.64
C GLY C 107 -13.87 20.60 14.69
N PHE C 108 -14.34 20.99 15.90
CA PHE C 108 -13.46 21.38 17.00
C PHE C 108 -14.24 21.38 18.33
N SER C 109 -13.52 21.37 19.46
CA SER C 109 -14.09 21.55 20.80
C SER C 109 -13.30 22.70 21.42
N SER C 110 -14.03 23.67 22.02
CA SER C 110 -13.46 24.85 22.69
C SER C 110 -14.20 25.09 24.00
N ASP C 114 -10.33 22.92 27.54
CA ASP C 114 -9.45 22.24 26.60
C ASP C 114 -9.69 22.68 25.15
N LEU C 115 -8.74 22.36 24.25
CA LEU C 115 -8.87 22.69 22.81
C LEU C 115 -8.59 21.45 21.96
N CYS C 116 -9.58 21.05 21.14
CA CYS C 116 -9.44 19.92 20.23
C CYS C 116 -9.79 20.33 18.83
N LEU C 117 -9.12 19.73 17.87
CA LEU C 117 -9.44 19.94 16.46
C LEU C 117 -9.74 18.57 15.89
N VAL C 118 -10.82 18.47 15.09
CA VAL C 118 -11.34 17.22 14.48
C VAL C 118 -11.18 17.25 12.95
N TYR C 119 -10.44 16.30 12.43
CA TYR C 119 -10.11 16.26 11.00
C TYR C 119 -10.51 14.96 10.37
N VAL C 120 -10.53 14.98 9.02
CA VAL C 120 -10.72 13.77 8.23
C VAL C 120 -9.50 12.90 8.52
N TYR C 121 -9.73 11.64 8.87
CA TYR C 121 -8.68 10.67 9.20
C TYR C 121 -7.80 10.34 7.98
N MET C 122 -6.48 10.32 8.19
CA MET C 122 -5.45 10.04 7.19
C MET C 122 -4.86 8.65 7.50
N PRO C 123 -5.43 7.57 6.90
CA PRO C 123 -5.02 6.19 7.29
C PRO C 123 -3.54 5.84 7.20
N ASN C 124 -2.76 6.55 6.38
CA ASN C 124 -1.35 6.20 6.24
C ASN C 124 -0.41 7.12 7.00
N GLY C 125 -0.96 7.90 7.92
CA GLY C 125 -0.19 8.74 8.84
C GLY C 125 0.69 9.78 8.17
N SER C 126 1.82 10.11 8.80
CA SER C 126 2.71 11.12 8.23
C SER C 126 3.77 10.52 7.30
N LEU C 127 4.30 11.36 6.41
CA LEU C 127 5.42 10.97 5.56
C LEU C 127 6.62 10.62 6.44
N LEU C 128 6.84 11.35 7.56
CA LEU C 128 7.98 11.07 8.49
C LEU C 128 7.86 9.58 8.95
N ASP C 129 6.65 9.15 9.38
CA ASP C 129 6.42 7.76 9.80
C ASP C 129 6.61 6.74 8.70
N ARG C 130 6.16 7.05 7.48
CA ARG C 130 6.29 6.10 6.36
C ARG C 130 7.71 6.03 5.87
N LEU C 131 8.45 7.14 5.90
CA LEU C 131 9.87 7.08 5.52
C LEU C 131 10.68 6.30 6.55
N SER C 132 10.29 6.36 7.81
CA SER C 132 11.01 5.64 8.85
C SER C 132 10.49 4.17 8.99
N CYS C 133 9.43 3.84 8.25
CA CYS C 133 8.76 2.50 8.29
C CYS C 133 8.31 2.16 9.71
N LEU C 134 7.90 3.18 10.47
CA LEU C 134 7.37 3.06 11.83
C LEU C 134 6.27 1.98 11.90
N ASP C 135 6.33 1.11 12.93
CA ASP C 135 5.36 0.00 13.13
C ASP C 135 5.39 -1.09 12.06
N GLY C 136 6.52 -1.19 11.36
CA GLY C 136 6.71 -2.22 10.36
C GLY C 136 6.02 -2.06 9.04
N THR C 137 5.65 -0.81 8.66
CA THR C 137 5.05 -0.58 7.34
C THR C 137 6.04 -0.81 6.22
N PRO C 138 5.60 -1.31 5.04
CA PRO C 138 6.56 -1.48 3.94
C PRO C 138 7.16 -0.14 3.50
N PRO C 139 8.45 -0.17 3.09
CA PRO C 139 9.07 1.07 2.57
C PRO C 139 8.35 1.58 1.34
N LEU C 140 8.29 2.91 1.20
CA LEU C 140 7.67 3.54 0.04
C LEU C 140 8.57 3.33 -1.16
N SER C 141 7.98 3.02 -2.33
CA SER C 141 8.75 2.88 -3.58
C SER C 141 9.17 4.28 -4.06
N TRP C 142 10.11 4.36 -5.00
CA TRP C 142 10.56 5.62 -5.57
C TRP C 142 9.39 6.28 -6.34
N HIS C 143 8.64 5.48 -7.09
CA HIS C 143 7.46 5.93 -7.82
C HIS C 143 6.48 6.67 -6.86
N MET C 144 6.17 6.05 -5.70
CA MET C 144 5.25 6.65 -4.72
C MET C 144 5.87 7.91 -4.10
N ARG C 145 7.17 7.87 -3.76
CA ARG C 145 7.86 9.04 -3.20
C ARG C 145 7.77 10.22 -4.19
N CYS C 146 7.90 9.97 -5.51
CA CYS C 146 7.76 11.05 -6.52
C CYS C 146 6.37 11.68 -6.52
N LYS C 147 5.33 10.84 -6.42
CA LYS C 147 3.93 11.34 -6.41
C LYS C 147 3.65 12.16 -5.14
N ILE C 148 4.21 11.71 -4.02
CA ILE C 148 4.07 12.42 -2.74
C ILE C 148 4.78 13.80 -2.82
N ALA C 149 6.00 13.84 -3.38
CA ALA C 149 6.74 15.12 -3.54
C ALA C 149 5.89 16.10 -4.38
N GLN C 150 5.31 15.60 -5.47
CA GLN C 150 4.44 16.39 -6.35
C GLN C 150 3.19 16.90 -5.61
N GLY C 151 2.52 16.02 -4.87
CA GLY C 151 1.32 16.36 -4.12
C GLY C 151 1.60 17.43 -3.08
N ALA C 152 2.67 17.24 -2.30
CA ALA C 152 3.06 18.21 -1.28
C ALA C 152 3.36 19.60 -1.92
N ALA C 153 4.08 19.62 -3.07
CA ALA C 153 4.35 20.91 -3.76
C ALA C 153 3.04 21.57 -4.25
N ASN C 154 2.05 20.76 -4.68
CA ASN C 154 0.74 21.26 -5.10
C ASN C 154 -0.02 21.92 -3.94
N GLY C 155 0.09 21.35 -2.74
CA GLY C 155 -0.52 21.90 -1.55
C GLY C 155 0.15 23.21 -1.15
N ILE C 156 1.48 23.26 -1.23
CA ILE C 156 2.19 24.50 -0.89
C ILE C 156 1.83 25.55 -1.92
N ASN C 157 1.73 25.16 -3.22
CA ASN C 157 1.36 26.08 -4.29
C ASN C 157 0.00 26.70 -3.98
N PHE C 158 -1.00 25.84 -3.65
CA PHE C 158 -2.31 26.34 -3.27
C PHE C 158 -2.23 27.39 -2.15
N LEU C 159 -1.47 27.11 -1.08
CA LEU C 159 -1.32 28.01 0.05
C LEU C 159 -0.72 29.36 -0.38
N HIS C 160 0.43 29.33 -1.08
CA HIS C 160 1.13 30.54 -1.57
C HIS C 160 0.25 31.35 -2.55
N GLU C 161 -0.50 30.66 -3.44
CA GLU C 161 -1.42 31.30 -4.41
C GLU C 161 -2.53 32.05 -3.66
N ASN C 162 -2.93 31.51 -2.50
CA ASN C 162 -3.96 32.04 -1.63
C ASN C 162 -3.39 32.93 -0.51
N HIS C 163 -2.16 33.45 -0.72
CA HIS C 163 -1.43 34.42 0.11
C HIS C 163 -1.24 33.97 1.57
N HIS C 164 -0.88 32.68 1.78
CA HIS C 164 -0.59 32.14 3.09
C HIS C 164 0.85 31.61 3.10
N ILE C 165 1.55 31.81 4.20
CA ILE C 165 2.90 31.32 4.46
C ILE C 165 2.67 30.27 5.54
N HIS C 166 3.10 29.02 5.29
CA HIS C 166 2.85 27.93 6.24
C HIS C 166 3.62 28.09 7.55
N ARG C 167 4.97 28.24 7.46
CA ARG C 167 5.94 28.44 8.55
C ARG C 167 6.30 27.20 9.31
N ASP C 168 5.74 26.05 8.94
CA ASP C 168 6.07 24.84 9.68
C ASP C 168 6.09 23.61 8.76
N ILE C 169 6.68 23.78 7.57
CA ILE C 169 6.78 22.68 6.60
C ILE C 169 7.80 21.67 7.11
N LYS C 170 7.36 20.42 7.25
CA LYS C 170 8.21 19.32 7.69
C LYS C 170 7.51 18.02 7.38
N SER C 171 8.28 16.90 7.33
CA SER C 171 7.67 15.60 6.96
C SER C 171 6.61 15.08 7.96
N ALA C 172 6.67 15.50 9.24
CA ALA C 172 5.67 15.12 10.26
C ALA C 172 4.34 15.83 9.96
N ASN C 173 4.40 16.93 9.16
CA ASN C 173 3.24 17.74 8.77
C ASN C 173 2.76 17.46 7.34
N ILE C 174 3.22 16.36 6.73
CA ILE C 174 2.70 15.97 5.41
C ILE C 174 2.05 14.63 5.67
N LEU C 175 0.73 14.61 5.63
CA LEU C 175 -0.04 13.39 5.91
C LEU C 175 -0.40 12.63 4.65
N LEU C 176 -0.82 11.36 4.83
CA LEU C 176 -1.03 10.48 3.68
C LEU C 176 -2.35 9.75 3.78
N ASP C 177 -3.21 9.92 2.74
CA ASP C 177 -4.53 9.28 2.79
C ASP C 177 -4.43 7.82 2.30
N GLU C 178 -5.59 7.15 2.10
CA GLU C 178 -5.67 5.76 1.61
C GLU C 178 -4.86 5.50 0.30
N ALA C 179 -4.80 6.46 -0.63
CA ALA C 179 -4.04 6.31 -1.88
C ALA C 179 -2.61 6.91 -1.76
N PHE C 180 -2.17 7.28 -0.54
CA PHE C 180 -0.88 7.94 -0.28
C PHE C 180 -0.82 9.31 -0.95
N THR C 181 -2.00 9.99 -1.09
CA THR C 181 -2.02 11.36 -1.56
C THR C 181 -1.49 12.23 -0.40
N ALA C 182 -0.58 13.14 -0.68
CA ALA C 182 0.03 14.04 0.31
C ALA C 182 -0.98 15.11 0.75
N LYS C 183 -1.10 15.35 2.08
CA LYS C 183 -2.02 16.34 2.67
C LYS C 183 -1.22 17.22 3.64
N ILE C 184 -0.98 18.48 3.28
CA ILE C 184 -0.26 19.40 4.16
C ILE C 184 -1.16 19.65 5.38
N SER C 185 -0.57 19.64 6.59
CA SER C 185 -1.31 19.88 7.82
C SER C 185 -0.63 20.97 8.66
N ASP C 186 -1.26 21.33 9.79
CA ASP C 186 -0.73 22.22 10.84
C ASP C 186 -0.57 23.64 10.35
N PHE C 187 -1.64 24.40 10.55
CA PHE C 187 -1.71 25.80 10.11
C PHE C 187 -1.77 26.80 11.28
N GLY C 188 -1.43 26.33 12.48
CA GLY C 188 -1.42 27.15 13.69
C GLY C 188 -0.46 28.33 13.62
N LEU C 189 0.66 28.15 12.88
CA LEU C 189 1.67 29.20 12.71
C LEU C 189 1.50 29.98 11.39
N ALA C 190 0.56 29.54 10.53
CA ALA C 190 0.34 30.16 9.21
C ALA C 190 0.07 31.65 9.29
N ARG C 191 0.62 32.40 8.32
CA ARG C 191 0.45 33.85 8.26
C ARG C 191 -0.04 34.27 6.90
N ALA C 192 -0.98 35.23 6.86
CA ALA C 192 -1.44 35.80 5.59
C ALA C 192 -0.32 36.76 5.15
N SER C 193 -0.01 36.79 3.84
CA SER C 193 1.03 37.66 3.28
C SER C 193 0.43 38.68 2.33
N TPO C 199 8.72 41.23 3.09
CA TPO C 199 9.22 40.46 4.22
CB TPO C 199 10.63 39.84 3.97
CG2 TPO C 199 11.27 39.06 5.14
OG1 TPO C 199 10.55 38.94 2.84
P TPO C 199 11.17 39.46 1.51
O1P TPO C 199 11.38 38.25 0.63
O2P TPO C 199 12.49 40.22 1.68
O3P TPO C 199 10.20 40.43 0.83
C TPO C 199 9.15 41.27 5.51
O TPO C 199 9.64 42.40 5.57
N VAL C 200 8.53 40.67 6.53
CA VAL C 200 8.32 41.21 7.88
C VAL C 200 9.12 40.37 8.89
N MET C 201 9.33 40.91 10.09
CA MET C 201 10.02 40.20 11.17
C MET C 201 9.10 39.96 12.35
N TPO C 202 9.44 38.96 13.16
CA TPO C 202 8.71 38.59 14.38
CB TPO C 202 7.81 37.32 14.24
CG2 TPO C 202 8.60 36.03 13.91
OG1 TPO C 202 7.07 37.07 15.46
P TPO C 202 5.64 37.73 15.60
O1P TPO C 202 4.74 36.65 16.24
O2P TPO C 202 4.96 38.22 14.31
O3P TPO C 202 5.86 38.94 16.52
C TPO C 202 9.71 38.46 15.53
O TPO C 202 10.89 38.16 15.29
N SEP C 203 9.25 38.68 16.77
CA SEP C 203 10.07 38.56 17.97
CB SEP C 203 9.77 39.64 19.03
OG SEP C 203 8.34 39.80 19.15
C SEP C 203 9.98 37.14 18.55
O SEP C 203 10.83 36.74 19.35
P SEP C 203 7.88 40.72 20.33
O1P SEP C 203 8.98 41.09 21.34
O2P SEP C 203 6.80 39.94 21.06
O3P SEP C 203 7.29 41.97 19.70
N ARG C 204 8.96 36.37 18.12
CA ARG C 204 8.75 34.99 18.56
C ARG C 204 9.21 34.03 17.46
N ILE C 205 10.42 33.47 17.63
CA ILE C 205 10.99 32.53 16.66
C ILE C 205 10.53 31.14 17.03
N VAL C 206 9.64 30.60 16.19
CA VAL C 206 9.01 29.29 16.40
C VAL C 206 9.17 28.41 15.16
N GLY C 207 9.25 27.11 15.41
CA GLY C 207 9.41 26.13 14.36
C GLY C 207 10.36 25.03 14.76
N THR C 208 10.73 24.16 13.80
CA THR C 208 11.61 23.03 14.05
C THR C 208 12.95 23.37 13.41
N THR C 209 13.98 23.56 14.26
CA THR C 209 15.31 23.99 13.85
C THR C 209 15.86 23.25 12.62
N ALA C 210 15.77 21.91 12.59
CA ALA C 210 16.31 21.10 11.50
C ALA C 210 15.74 21.42 10.11
N TYR C 211 14.59 22.11 10.06
CA TYR C 211 13.92 22.45 8.81
C TYR C 211 14.00 23.94 8.43
N MET C 212 14.39 24.78 9.38
CA MET C 212 14.27 26.22 9.19
C MET C 212 15.36 26.86 8.37
N ALA C 213 14.92 27.77 7.49
CA ALA C 213 15.82 28.57 6.65
C ALA C 213 16.61 29.52 7.57
N PRO C 214 17.84 29.93 7.21
CA PRO C 214 18.59 30.86 8.10
C PRO C 214 17.81 32.15 8.43
N GLU C 215 17.09 32.71 7.46
CA GLU C 215 16.32 33.94 7.70
C GLU C 215 15.15 33.71 8.66
N ALA C 216 14.56 32.49 8.64
CA ALA C 216 13.48 32.11 9.55
C ALA C 216 14.02 31.99 10.96
N LEU C 217 15.26 31.50 11.12
CA LEU C 217 15.90 31.40 12.44
C LEU C 217 16.19 32.80 13.02
N ARG C 218 16.21 33.81 12.14
CA ARG C 218 16.43 35.21 12.48
C ARG C 218 15.13 35.99 12.73
N GLY C 219 14.00 35.34 12.52
CA GLY C 219 12.68 35.94 12.75
C GLY C 219 11.97 36.49 11.54
N GLU C 220 12.54 36.33 10.35
CA GLU C 220 11.86 36.81 9.15
C GLU C 220 10.71 35.88 8.82
N ILE C 221 9.62 36.43 8.28
CA ILE C 221 8.45 35.68 7.85
C ILE C 221 8.34 35.94 6.37
N THR C 222 8.50 34.87 5.54
CA THR C 222 8.47 34.95 4.08
C THR C 222 8.14 33.57 3.47
N PRO C 223 7.40 33.50 2.34
CA PRO C 223 7.14 32.20 1.69
C PRO C 223 8.41 31.52 1.19
N LYS C 224 9.52 32.30 1.04
CA LYS C 224 10.78 31.70 0.60
C LYS C 224 11.33 30.68 1.64
N SER C 225 10.98 30.85 2.93
CA SER C 225 11.41 29.94 4.00
C SER C 225 10.66 28.58 3.86
N ASP C 226 9.39 28.60 3.41
CA ASP C 226 8.62 27.36 3.16
C ASP C 226 9.32 26.51 2.08
N ILE C 227 9.88 27.17 1.05
CA ILE C 227 10.63 26.51 -0.03
C ILE C 227 11.85 25.83 0.54
N TYR C 228 12.60 26.52 1.42
CA TYR C 228 13.78 25.96 2.07
C TYR C 228 13.41 24.68 2.85
N SER C 229 12.37 24.78 3.68
CA SER C 229 11.90 23.65 4.49
C SER C 229 11.48 22.48 3.61
N PHE C 230 10.82 22.78 2.48
CA PHE C 230 10.45 21.76 1.49
C PHE C 230 11.68 21.04 0.90
N GLY C 231 12.79 21.77 0.72
CA GLY C 231 14.04 21.15 0.26
C GLY C 231 14.55 20.11 1.23
N VAL C 232 14.42 20.37 2.55
CA VAL C 232 14.85 19.41 3.59
C VAL C 232 13.94 18.16 3.44
N VAL C 233 12.64 18.36 3.26
CA VAL C 233 11.67 17.23 3.06
C VAL C 233 12.10 16.38 1.83
N LEU C 234 12.53 17.05 0.73
CA LEU C 234 12.98 16.32 -0.45
C LEU C 234 14.22 15.49 -0.15
N LEU C 235 15.16 16.00 0.72
CA LEU C 235 16.33 15.18 1.13
C LEU C 235 15.88 13.97 1.96
N GLU C 236 14.86 14.15 2.81
CA GLU C 236 14.33 13.01 3.60
C GLU C 236 13.74 11.96 2.66
N ILE C 237 13.01 12.41 1.64
CA ILE C 237 12.39 11.51 0.66
C ILE C 237 13.47 10.69 -0.11
N ILE C 238 14.59 11.33 -0.49
CA ILE C 238 15.65 10.64 -1.24
C ILE C 238 16.42 9.64 -0.37
N THR C 239 16.73 10.05 0.85
CA THR C 239 17.62 9.30 1.73
C THR C 239 16.96 8.38 2.74
N GLY C 240 15.72 8.68 3.12
CA GLY C 240 15.05 7.96 4.19
C GLY C 240 15.60 8.34 5.57
N LEU C 241 16.47 9.37 5.63
CA LEU C 241 17.09 9.83 6.89
C LEU C 241 16.27 10.93 7.58
N PRO C 242 16.27 10.99 8.93
CA PRO C 242 15.53 12.08 9.59
C PRO C 242 16.30 13.39 9.43
N ALA C 243 15.57 14.53 9.45
CA ALA C 243 16.15 15.87 9.31
C ALA C 243 17.24 16.17 10.33
N VAL C 244 17.14 15.57 11.54
CA VAL C 244 18.16 15.70 12.58
C VAL C 244 18.34 14.32 13.25
N ASP C 245 19.57 13.97 13.58
CA ASP C 245 19.90 12.77 14.34
C ASP C 245 21.16 13.16 15.10
N GLU C 246 21.01 13.38 16.41
CA GLU C 246 22.13 13.82 17.25
C GLU C 246 23.30 12.82 17.30
N HIS C 247 23.04 11.53 16.97
CA HIS C 247 24.08 10.49 16.97
C HIS C 247 24.61 10.19 15.56
N ARG C 248 24.49 11.18 14.66
CA ARG C 248 24.91 11.04 13.27
C ARG C 248 25.87 12.15 12.88
N GLU C 249 26.70 11.89 11.86
CA GLU C 249 27.61 12.85 11.25
C GLU C 249 27.23 12.90 9.77
N PRO C 250 26.66 14.01 9.25
CA PRO C 250 26.33 15.27 9.95
C PRO C 250 25.06 15.12 10.76
N GLN C 251 24.93 15.87 11.87
CA GLN C 251 23.72 15.84 12.71
C GLN C 251 22.51 16.32 11.90
N LEU C 252 22.69 17.38 11.10
CA LEU C 252 21.63 17.94 10.28
C LEU C 252 21.68 17.44 8.86
N LEU C 253 20.56 16.85 8.39
CA LEU C 253 20.46 16.34 7.03
C LEU C 253 20.79 17.39 5.97
N LEU C 254 20.38 18.67 6.18
CA LEU C 254 20.65 19.72 5.21
C LEU C 254 22.17 19.90 4.93
N ASP C 255 23.03 19.42 5.88
CA ASP C 255 24.49 19.48 5.75
C ASP C 255 25.04 18.57 4.66
N ILE C 256 24.27 17.53 4.18
CA ILE C 256 24.75 16.67 3.08
C ILE C 256 24.88 17.44 1.76
N LYS C 257 24.13 18.56 1.61
CA LYS C 257 24.22 19.43 0.41
C LYS C 257 25.66 19.98 0.28
N GLU C 258 26.24 20.44 1.41
CA GLU C 258 27.60 20.96 1.50
C GLU C 258 28.62 19.83 1.20
N GLU C 259 28.40 18.63 1.78
CA GLU C 259 29.25 17.44 1.58
C GLU C 259 29.34 17.06 0.11
N ILE C 260 28.18 17.08 -0.59
CA ILE C 260 28.06 16.77 -2.01
C ILE C 260 28.72 17.86 -2.84
N GLU C 261 28.53 19.15 -2.47
CA GLU C 261 29.14 20.29 -3.18
C GLU C 261 30.67 20.31 -3.06
N ASP C 262 31.19 19.85 -1.92
CA ASP C 262 32.63 19.76 -1.68
C ASP C 262 33.23 18.47 -2.23
N GLU C 263 32.44 17.70 -3.03
CA GLU C 263 32.78 16.43 -3.66
C GLU C 263 33.29 15.35 -2.68
N GLU C 264 33.04 15.54 -1.36
CA GLU C 264 33.40 14.58 -0.31
C GLU C 264 32.42 13.39 -0.36
N LYS C 265 31.23 13.61 -0.97
CA LYS C 265 30.16 12.62 -1.12
C LYS C 265 29.40 12.84 -2.44
N THR C 266 28.56 11.85 -2.80
CA THR C 266 27.67 11.88 -3.96
C THR C 266 26.25 11.64 -3.42
N ILE C 267 25.19 11.97 -4.21
CA ILE C 267 23.82 11.70 -3.75
C ILE C 267 23.60 10.17 -3.66
N GLU C 268 24.30 9.39 -4.53
CA GLU C 268 24.29 7.91 -4.54
C GLU C 268 24.72 7.35 -3.19
N ASP C 269 25.69 8.00 -2.52
CA ASP C 269 26.16 7.60 -1.18
C ASP C 269 25.07 7.71 -0.13
N TYR C 270 24.08 8.60 -0.35
CA TYR C 270 23.00 8.82 0.62
C TYR C 270 21.62 8.25 0.22
N ILE C 271 21.43 7.77 -1.01
CA ILE C 271 20.12 7.25 -1.47
C ILE C 271 19.62 6.14 -0.55
N ASP C 272 18.34 6.18 -0.20
CA ASP C 272 17.70 5.17 0.63
C ASP C 272 17.87 3.80 -0.03
N LYS C 273 18.43 2.83 0.69
CA LYS C 273 18.63 1.47 0.16
C LYS C 273 17.32 0.65 0.18
N LYS C 274 16.25 1.20 0.80
CA LYS C 274 14.96 0.51 0.96
C LYS C 274 13.99 0.73 -0.23
N MET C 275 14.53 0.77 -1.47
CA MET C 275 13.80 0.90 -2.74
C MET C 275 14.58 0.11 -3.81
N ASN C 276 13.90 -0.37 -4.87
CA ASN C 276 14.56 -1.03 -5.99
C ASN C 276 14.14 -0.42 -7.34
N ASP C 277 13.37 0.68 -7.30
CA ASP C 277 12.85 1.32 -8.52
C ASP C 277 13.33 2.78 -8.68
N ALA C 278 14.41 3.15 -7.99
CA ALA C 278 14.96 4.50 -8.03
C ALA C 278 16.04 4.67 -9.12
N ASP C 279 15.63 5.14 -10.30
CA ASP C 279 16.58 5.36 -11.41
C ASP C 279 17.44 6.61 -11.12
N SER C 280 18.74 6.55 -11.49
CA SER C 280 19.70 7.64 -11.28
C SER C 280 19.26 9.00 -11.83
N THR C 281 18.59 9.00 -13.01
CA THR C 281 18.13 10.22 -13.67
C THR C 281 17.15 11.00 -12.80
N SER C 282 16.00 10.37 -12.40
CA SER C 282 15.00 11.09 -11.59
C SER C 282 15.48 11.39 -10.17
N VAL C 283 16.35 10.55 -9.59
CA VAL C 283 16.92 10.80 -8.25
C VAL C 283 17.78 12.06 -8.34
N GLU C 284 18.59 12.18 -9.43
CA GLU C 284 19.43 13.37 -9.64
C GLU C 284 18.55 14.59 -9.87
N ALA C 285 17.41 14.42 -10.58
CA ALA C 285 16.45 15.49 -10.84
C ALA C 285 15.79 15.97 -9.53
N MET C 286 15.37 15.04 -8.64
CA MET C 286 14.80 15.46 -7.35
C MET C 286 15.88 16.16 -6.48
N TYR C 287 17.12 15.61 -6.46
CA TYR C 287 18.22 16.23 -5.71
C TYR C 287 18.49 17.66 -6.17
N SER C 288 18.43 17.89 -7.49
CA SER C 288 18.64 19.23 -8.06
C SER C 288 17.57 20.21 -7.55
N VAL C 289 16.32 19.76 -7.44
CA VAL C 289 15.22 20.59 -6.89
C VAL C 289 15.53 20.92 -5.42
N ALA C 290 15.87 19.87 -4.61
CA ALA C 290 16.22 19.99 -3.19
C ALA C 290 17.38 20.99 -3.03
N SER C 291 18.46 20.84 -3.82
CA SER C 291 19.64 21.71 -3.76
C SER C 291 19.23 23.17 -4.00
N GLN C 292 18.39 23.42 -5.03
CA GLN C 292 17.89 24.76 -5.38
C GLN C 292 17.05 25.36 -4.25
N CYS C 293 16.14 24.57 -3.66
CA CYS C 293 15.30 24.99 -2.52
C CYS C 293 16.15 25.41 -1.30
N LEU C 294 17.30 24.74 -1.10
CA LEU C 294 18.22 24.89 0.02
C LEU C 294 19.26 25.99 -0.16
N HIS C 295 19.10 26.80 -1.21
CA HIS C 295 20.03 27.91 -1.43
C HIS C 295 20.03 28.76 -0.17
N GLU C 296 21.23 29.06 0.36
CA GLU C 296 21.38 29.84 1.60
C GLU C 296 20.76 31.26 1.45
N LYS C 297 20.76 31.81 0.21
CA LYS C 297 20.19 33.13 -0.10
C LYS C 297 18.73 32.98 -0.52
N LYS C 298 17.82 33.49 0.32
CA LYS C 298 16.37 33.40 0.11
C LYS C 298 15.92 33.82 -1.30
N ASN C 299 16.53 34.90 -1.86
CA ASN C 299 16.14 35.38 -3.18
C ASN C 299 16.63 34.54 -4.35
N LYS C 300 17.56 33.61 -4.12
CA LYS C 300 18.12 32.73 -5.15
C LYS C 300 17.34 31.41 -5.27
N ARG C 301 16.44 31.14 -4.31
CA ARG C 301 15.62 29.92 -4.32
C ARG C 301 14.55 30.00 -5.37
N PRO C 302 14.12 28.86 -5.95
CA PRO C 302 12.97 28.92 -6.87
C PRO C 302 11.68 29.23 -6.08
N ASP C 303 10.65 29.72 -6.76
CA ASP C 303 9.38 29.93 -6.06
C ASP C 303 8.61 28.59 -6.15
N ILE C 304 7.45 28.45 -5.49
CA ILE C 304 6.72 27.17 -5.50
C ILE C 304 6.26 26.72 -6.91
N LYS C 305 5.91 27.68 -7.78
CA LYS C 305 5.52 27.37 -9.15
C LYS C 305 6.64 26.68 -9.93
N LYS C 306 7.88 27.17 -9.77
CA LYS C 306 9.08 26.60 -10.41
C LYS C 306 9.35 25.19 -9.81
N VAL C 307 9.17 25.05 -8.49
CA VAL C 307 9.33 23.74 -7.83
C VAL C 307 8.35 22.72 -8.43
N GLN C 308 7.09 23.11 -8.60
CA GLN C 308 6.06 22.26 -9.21
C GLN C 308 6.43 21.81 -10.62
N GLN C 309 6.89 22.75 -11.46
CA GLN C 309 7.28 22.49 -12.85
C GLN C 309 8.44 21.49 -12.88
N LEU C 310 9.47 21.72 -12.07
CA LEU C 310 10.65 20.88 -11.95
C LEU C 310 10.30 19.47 -11.47
N LEU C 311 9.32 19.33 -10.54
CA LEU C 311 8.91 17.99 -10.08
C LEU C 311 8.08 17.26 -11.14
N GLN C 312 7.28 18.00 -11.92
CA GLN C 312 6.49 17.44 -13.04
C GLN C 312 7.43 16.94 -14.15
N GLU C 313 8.49 17.72 -14.47
CA GLU C 313 9.49 17.37 -15.50
C GLU C 313 10.35 16.15 -15.10
N MET C 314 10.45 15.90 -13.78
CA MET C 314 11.20 14.79 -13.19
C MET C 314 10.53 13.44 -13.51
N THR C 315 9.19 13.45 -13.63
CA THR C 315 8.34 12.29 -13.93
C THR C 315 8.01 12.23 -15.44
N SER D 18 31.15 -42.17 5.66
CA SER D 18 30.87 -41.35 6.83
C SER D 18 30.45 -39.93 6.41
N ASP D 19 31.41 -39.15 5.89
CA ASP D 19 31.13 -37.80 5.39
C ASP D 19 30.33 -37.96 4.11
N THR D 20 29.35 -37.04 3.88
CA THR D 20 28.52 -37.04 2.67
C THR D 20 29.43 -36.87 1.44
N ARG D 21 29.09 -37.52 0.31
CA ARG D 21 29.79 -37.34 -0.96
C ARG D 21 28.89 -36.45 -1.81
N PHE D 22 29.45 -35.40 -2.41
CA PHE D 22 28.66 -34.47 -3.21
C PHE D 22 28.79 -34.65 -4.70
N HIS D 23 27.73 -34.27 -5.43
CA HIS D 23 27.63 -34.24 -6.89
C HIS D 23 28.64 -33.23 -7.44
N SER D 24 29.33 -33.60 -8.54
CA SER D 24 30.25 -32.72 -9.21
C SER D 24 29.49 -32.10 -10.38
N PHE D 25 29.39 -30.76 -10.40
CA PHE D 25 28.72 -30.07 -11.51
C PHE D 25 29.76 -29.62 -12.51
N SER D 26 29.37 -29.61 -13.78
CA SER D 26 30.23 -29.08 -14.83
C SER D 26 30.24 -27.56 -14.66
N PHE D 27 31.43 -26.93 -14.72
CA PHE D 27 31.58 -25.47 -14.67
C PHE D 27 30.73 -24.80 -15.76
N TYR D 28 30.69 -25.42 -16.97
CA TYR D 28 29.94 -24.90 -18.11
C TYR D 28 28.44 -24.99 -17.91
N GLU D 29 27.95 -25.99 -17.14
CA GLU D 29 26.52 -26.05 -16.81
C GLU D 29 26.17 -24.87 -15.90
N LEU D 30 27.03 -24.59 -14.93
CA LEU D 30 26.82 -23.49 -13.98
C LEU D 30 26.88 -22.17 -14.69
N LYS D 31 27.86 -22.02 -15.60
CA LYS D 31 27.98 -20.81 -16.44
C LYS D 31 26.68 -20.59 -17.20
N ASN D 32 26.15 -21.64 -17.86
CA ASN D 32 24.91 -21.65 -18.63
C ASN D 32 23.68 -21.16 -17.84
N VAL D 33 23.39 -21.84 -16.71
CA VAL D 33 22.17 -21.63 -15.90
C VAL D 33 22.18 -20.31 -15.07
N THR D 34 23.32 -19.64 -15.03
CA THR D 34 23.45 -18.34 -14.33
C THR D 34 23.53 -17.21 -15.38
N ASN D 35 23.14 -17.51 -16.65
CA ASN D 35 23.18 -16.58 -17.79
C ASN D 35 24.60 -15.98 -17.92
N ASN D 36 25.62 -16.87 -17.96
CA ASN D 36 27.05 -16.58 -18.01
C ASN D 36 27.51 -15.75 -16.81
N PHE D 37 27.05 -16.14 -15.57
CA PHE D 37 27.34 -15.43 -14.32
C PHE D 37 27.01 -13.93 -14.48
N ASP D 38 25.79 -13.63 -14.93
CA ASP D 38 25.30 -12.27 -15.16
C ASP D 38 25.37 -11.41 -13.88
N GLU D 39 26.31 -10.43 -13.89
CA GLU D 39 26.61 -9.51 -12.79
C GLU D 39 25.51 -8.51 -12.44
N ARG D 40 24.49 -8.36 -13.30
CA ARG D 40 23.37 -7.44 -13.08
C ARG D 40 22.47 -7.91 -11.93
N PRO D 41 21.88 -6.97 -11.14
CA PRO D 41 21.00 -7.40 -10.03
C PRO D 41 19.75 -8.13 -10.51
N ILE D 42 19.15 -8.92 -9.62
CA ILE D 42 17.94 -9.70 -9.86
C ILE D 42 16.78 -8.84 -10.45
N SER D 43 16.60 -7.63 -9.89
CA SER D 43 15.56 -6.65 -10.23
C SER D 43 15.54 -6.19 -11.68
N VAL D 44 16.70 -6.19 -12.39
CA VAL D 44 16.79 -5.71 -13.78
C VAL D 44 16.93 -6.85 -14.83
N GLY D 45 16.78 -8.11 -14.39
CA GLY D 45 16.89 -9.28 -15.27
C GLY D 45 18.19 -10.06 -15.17
N GLY D 46 19.10 -9.61 -14.31
CA GLY D 46 20.39 -10.25 -14.09
C GLY D 46 20.34 -11.42 -13.12
N ASN D 47 21.53 -11.93 -12.71
CA ASN D 47 21.63 -13.11 -11.83
C ASN D 47 22.38 -12.90 -10.52
N LYS D 48 22.95 -11.72 -10.28
CA LYS D 48 23.71 -11.46 -9.06
C LYS D 48 22.80 -11.23 -7.86
N MET D 49 22.96 -12.07 -6.83
CA MET D 49 22.13 -12.00 -5.62
C MET D 49 22.80 -11.24 -4.50
N GLY D 50 24.11 -11.30 -4.49
CA GLY D 50 24.92 -10.61 -3.51
C GLY D 50 26.34 -11.10 -3.57
N GLU D 51 27.14 -10.63 -2.63
CA GLU D 51 28.54 -11.01 -2.54
C GLU D 51 29.01 -10.98 -1.11
N GLY D 52 30.14 -11.63 -0.90
CA GLY D 52 30.84 -11.70 0.37
C GLY D 52 32.31 -11.58 0.11
N GLY D 53 33.11 -11.64 1.17
CA GLY D 53 34.56 -11.53 1.08
C GLY D 53 35.22 -12.63 0.28
N PHE D 54 34.52 -13.79 0.09
CA PHE D 54 35.11 -14.91 -0.64
C PHE D 54 34.39 -15.31 -1.95
N GLY D 55 33.56 -14.42 -2.50
CA GLY D 55 32.90 -14.68 -3.77
C GLY D 55 31.57 -14.00 -3.99
N VAL D 56 31.08 -14.13 -5.21
CA VAL D 56 29.81 -13.55 -5.64
C VAL D 56 28.80 -14.70 -5.72
N VAL D 57 27.55 -14.44 -5.30
CA VAL D 57 26.50 -15.47 -5.33
C VAL D 57 25.47 -15.16 -6.42
N TYR D 58 25.28 -16.11 -7.34
CA TYR D 58 24.36 -16.00 -8.46
C TYR D 58 23.16 -16.90 -8.33
N LYS D 59 22.05 -16.48 -8.90
CA LYS D 59 20.88 -17.33 -8.99
C LYS D 59 21.09 -18.25 -10.21
N GLY D 60 20.83 -19.53 -10.01
CA GLY D 60 20.89 -20.56 -11.04
C GLY D 60 19.63 -21.39 -11.10
N TYR D 61 19.46 -22.15 -12.19
CA TYR D 61 18.32 -23.04 -12.38
C TYR D 61 18.82 -24.35 -12.96
N VAL D 62 19.07 -25.36 -12.09
CA VAL D 62 19.64 -26.63 -12.52
C VAL D 62 18.78 -27.81 -12.07
N ASN D 63 18.71 -28.85 -12.95
CA ASN D 63 17.93 -30.07 -12.74
C ASN D 63 16.51 -29.76 -12.23
N ASN D 64 15.85 -28.79 -12.91
CA ASN D 64 14.49 -28.26 -12.69
C ASN D 64 14.33 -27.48 -11.35
N THR D 65 15.44 -27.03 -10.73
CA THR D 65 15.43 -26.38 -9.42
C THR D 65 16.23 -25.07 -9.39
N THR D 66 15.69 -24.02 -8.72
CA THR D 66 16.40 -22.76 -8.47
C THR D 66 17.45 -23.07 -7.40
N VAL D 67 18.70 -22.68 -7.65
CA VAL D 67 19.83 -22.90 -6.74
C VAL D 67 20.60 -21.60 -6.59
N ALA D 68 21.51 -21.56 -5.60
CA ALA D 68 22.46 -20.48 -5.39
C ALA D 68 23.84 -20.99 -5.81
N VAL D 69 24.52 -20.23 -6.65
CA VAL D 69 25.83 -20.61 -7.16
C VAL D 69 26.86 -19.61 -6.68
N LYS D 70 27.75 -20.06 -5.82
CA LYS D 70 28.82 -19.19 -5.35
C LYS D 70 30.06 -19.37 -6.22
N LYS D 71 30.47 -18.32 -6.91
CA LYS D 71 31.68 -18.34 -7.74
C LYS D 71 32.78 -17.70 -6.89
N LEU D 72 33.70 -18.52 -6.40
CA LEU D 72 34.74 -18.05 -5.48
C LEU D 72 35.69 -17.05 -6.10
N ALA D 73 36.11 -16.05 -5.30
CA ALA D 73 37.02 -14.96 -5.68
C ALA D 73 37.53 -14.31 -4.40
N ALA D 74 38.83 -13.96 -4.36
CA ALA D 74 39.43 -13.30 -3.19
C ALA D 74 38.99 -11.85 -3.20
N MET D 75 37.85 -11.56 -2.53
CA MET D 75 37.27 -10.21 -2.48
C MET D 75 37.75 -9.43 -1.24
N VAL D 76 38.54 -10.11 -0.40
CA VAL D 76 39.22 -9.59 0.79
C VAL D 76 40.71 -9.97 0.68
N ASP D 77 41.56 -9.55 1.63
CA ASP D 77 42.99 -9.80 1.59
C ASP D 77 43.41 -11.27 1.87
N ILE D 78 43.11 -12.20 0.94
CA ILE D 78 43.51 -13.61 1.01
C ILE D 78 44.12 -14.06 -0.33
N THR D 79 45.02 -15.05 -0.30
CA THR D 79 45.68 -15.56 -1.50
C THR D 79 44.82 -16.58 -2.27
N THR D 80 45.23 -16.91 -3.51
CA THR D 80 44.57 -17.91 -4.38
C THR D 80 44.63 -19.30 -3.70
N GLU D 81 45.78 -19.63 -3.07
CA GLU D 81 46.00 -20.90 -2.36
C GLU D 81 45.06 -20.97 -1.13
N GLU D 82 44.94 -19.86 -0.38
CA GLU D 82 44.04 -19.77 0.79
C GLU D 82 42.58 -19.92 0.34
N LEU D 83 42.23 -19.35 -0.84
CA LEU D 83 40.88 -19.45 -1.42
C LEU D 83 40.53 -20.90 -1.74
N LYS D 84 41.50 -21.66 -2.32
CA LYS D 84 41.32 -23.07 -2.66
C LYS D 84 41.18 -23.87 -1.36
N GLN D 85 42.02 -23.54 -0.35
CA GLN D 85 42.01 -24.17 0.97
C GLN D 85 40.61 -23.96 1.63
N GLN D 86 40.05 -22.74 1.49
CA GLN D 86 38.72 -22.43 2.04
C GLN D 86 37.60 -23.19 1.29
N PHE D 87 37.74 -23.38 -0.04
CA PHE D 87 36.81 -24.16 -0.88
C PHE D 87 36.80 -25.61 -0.34
N ASP D 88 38.01 -26.22 -0.18
CA ASP D 88 38.14 -27.57 0.38
C ASP D 88 37.59 -27.65 1.81
N GLN D 89 37.84 -26.65 2.66
CA GLN D 89 37.36 -26.61 4.03
C GLN D 89 35.82 -26.53 4.09
N GLU D 90 35.21 -25.68 3.23
CA GLU D 90 33.75 -25.53 3.20
C GLU D 90 33.10 -26.86 2.86
N ILE D 91 33.61 -27.55 1.81
CA ILE D 91 33.10 -28.87 1.40
C ILE D 91 33.21 -29.90 2.55
N LYS D 92 34.38 -29.92 3.23
CA LYS D 92 34.63 -30.85 4.34
C LYS D 92 33.63 -30.63 5.47
N VAL D 93 33.37 -29.35 5.82
CA VAL D 93 32.44 -29.01 6.90
C VAL D 93 31.02 -29.39 6.53
N MET D 94 30.59 -29.10 5.29
CA MET D 94 29.28 -29.43 4.73
C MET D 94 29.07 -30.95 4.64
N ALA D 95 30.16 -31.70 4.37
CA ALA D 95 30.12 -33.16 4.33
C ALA D 95 29.83 -33.74 5.73
N LYS D 96 30.31 -33.07 6.78
CA LYS D 96 30.18 -33.54 8.14
C LYS D 96 28.94 -33.01 8.87
N CYS D 97 28.49 -31.80 8.52
CA CYS D 97 27.43 -31.10 9.22
C CYS D 97 26.18 -30.84 8.40
N GLN D 98 25.08 -31.52 8.78
CA GLN D 98 23.74 -31.36 8.18
C GLN D 98 22.75 -31.12 9.31
N HIS D 99 22.07 -29.97 9.29
CA HIS D 99 21.14 -29.60 10.35
C HIS D 99 20.13 -28.61 9.78
N GLU D 100 18.93 -28.56 10.39
CA GLU D 100 17.86 -27.67 9.97
C GLU D 100 18.27 -26.19 9.92
N ASN D 101 19.28 -25.78 10.71
CA ASN D 101 19.70 -24.37 10.75
C ASN D 101 21.08 -24.11 10.16
N LEU D 102 21.47 -25.00 9.22
CA LEU D 102 22.70 -24.85 8.43
C LEU D 102 22.28 -24.94 6.98
N VAL D 103 22.94 -24.15 6.13
CA VAL D 103 22.71 -24.20 4.69
C VAL D 103 23.09 -25.58 4.20
N GLU D 104 22.48 -25.99 3.11
CA GLU D 104 22.72 -27.32 2.54
C GLU D 104 23.46 -27.19 1.21
N LEU D 105 24.63 -27.83 1.12
CA LEU D 105 25.40 -27.86 -0.12
C LEU D 105 24.84 -28.95 -1.06
N LEU D 106 24.62 -28.60 -2.34
CA LEU D 106 24.10 -29.55 -3.34
C LEU D 106 25.21 -30.16 -4.19
N GLY D 107 26.30 -29.42 -4.33
CA GLY D 107 27.44 -29.85 -5.14
C GLY D 107 28.48 -28.76 -5.30
N PHE D 108 29.46 -29.02 -6.15
CA PHE D 108 30.57 -28.10 -6.37
C PHE D 108 31.04 -28.29 -7.80
N SER D 109 31.89 -27.39 -8.28
CA SER D 109 32.57 -27.51 -9.57
C SER D 109 34.00 -27.04 -9.40
N SER D 110 34.97 -27.80 -9.94
CA SER D 110 36.39 -27.44 -9.86
C SER D 110 37.10 -27.71 -11.20
N ASP D 111 36.33 -28.16 -12.21
CA ASP D 111 36.79 -28.50 -13.57
C ASP D 111 36.88 -27.31 -14.55
N GLY D 112 36.62 -26.09 -14.08
CA GLY D 112 36.64 -24.93 -14.97
C GLY D 112 37.49 -23.74 -14.57
N ASP D 113 37.12 -22.56 -15.12
CA ASP D 113 37.81 -21.28 -14.95
C ASP D 113 37.76 -20.73 -13.52
N ASP D 114 36.77 -21.17 -12.72
CA ASP D 114 36.63 -20.73 -11.32
C ASP D 114 35.97 -21.83 -10.50
N LEU D 115 36.35 -21.95 -9.21
CA LEU D 115 35.77 -22.91 -8.26
C LEU D 115 34.36 -22.41 -7.92
N CYS D 116 33.35 -23.30 -7.90
CA CYS D 116 31.97 -22.92 -7.58
C CYS D 116 31.41 -23.85 -6.52
N LEU D 117 30.49 -23.34 -5.73
CA LEU D 117 29.75 -24.14 -4.74
C LEU D 117 28.27 -23.94 -5.05
N VAL D 118 27.48 -25.03 -5.08
CA VAL D 118 26.06 -24.97 -5.40
C VAL D 118 25.27 -25.29 -4.16
N TYR D 119 24.38 -24.37 -3.73
CA TYR D 119 23.60 -24.55 -2.50
C TYR D 119 22.10 -24.51 -2.76
N VAL D 120 21.32 -24.95 -1.76
CA VAL D 120 19.86 -24.84 -1.79
C VAL D 120 19.61 -23.32 -1.74
N TYR D 121 18.78 -22.83 -2.66
CA TYR D 121 18.40 -21.42 -2.79
C TYR D 121 17.67 -20.96 -1.51
N MET D 122 18.04 -19.79 -1.00
CA MET D 122 17.49 -19.18 0.21
C MET D 122 16.71 -17.95 -0.26
N PRO D 123 15.40 -18.10 -0.55
CA PRO D 123 14.67 -17.00 -1.22
C PRO D 123 14.64 -15.65 -0.49
N ASN D 124 14.86 -15.64 0.85
CA ASN D 124 14.82 -14.39 1.60
C ASN D 124 16.20 -13.83 1.94
N GLY D 125 17.22 -14.32 1.25
CA GLY D 125 18.57 -13.78 1.36
C GLY D 125 19.17 -13.82 2.74
N SER D 126 19.89 -12.75 3.14
CA SER D 126 20.52 -12.78 4.45
C SER D 126 19.71 -12.00 5.48
N LEU D 127 20.01 -12.28 6.73
CA LEU D 127 19.42 -11.54 7.86
C LEU D 127 19.89 -10.06 7.76
N LEU D 128 21.14 -9.80 7.34
CA LEU D 128 21.62 -8.40 7.17
C LEU D 128 20.69 -7.66 6.19
N ASP D 129 20.46 -8.26 5.02
CA ASP D 129 19.59 -7.65 3.96
C ASP D 129 18.15 -7.41 4.47
N ARG D 130 17.61 -8.41 5.20
CA ARG D 130 16.24 -8.27 5.72
C ARG D 130 16.13 -7.25 6.85
N LEU D 131 17.16 -7.16 7.70
CA LEU D 131 17.16 -6.14 8.76
C LEU D 131 17.29 -4.72 8.16
N SER D 132 18.02 -4.58 7.06
CA SER D 132 18.20 -3.28 6.42
CA SER D 132 18.24 -3.31 6.37
C SER D 132 17.04 -2.94 5.47
N CYS D 133 16.11 -3.91 5.24
CA CYS D 133 14.97 -3.80 4.31
C CYS D 133 15.46 -3.49 2.92
N LEU D 134 16.60 -4.10 2.57
CA LEU D 134 17.23 -3.92 1.27
C LEU D 134 16.26 -4.18 0.14
N ASP D 135 16.24 -3.23 -0.82
CA ASP D 135 15.41 -3.26 -2.02
C ASP D 135 13.90 -3.10 -1.75
N GLY D 136 13.56 -2.59 -0.57
CA GLY D 136 12.18 -2.30 -0.20
C GLY D 136 11.38 -3.43 0.39
N THR D 137 12.07 -4.47 0.90
CA THR D 137 11.38 -5.59 1.53
C THR D 137 10.77 -5.14 2.84
N PRO D 138 9.64 -5.75 3.23
CA PRO D 138 9.02 -5.35 4.49
C PRO D 138 9.86 -5.71 5.72
N PRO D 139 9.83 -4.86 6.77
CA PRO D 139 10.60 -5.16 7.99
C PRO D 139 10.14 -6.45 8.68
N LEU D 140 11.09 -7.15 9.30
CA LEU D 140 10.78 -8.37 10.06
C LEU D 140 10.05 -8.00 11.37
N SER D 141 9.03 -8.77 11.74
CA SER D 141 8.32 -8.54 13.00
C SER D 141 9.21 -9.06 14.14
N TRP D 142 8.85 -8.69 15.38
CA TRP D 142 9.56 -9.17 16.57
C TRP D 142 9.37 -10.70 16.69
N HIS D 143 8.15 -11.19 16.36
CA HIS D 143 7.86 -12.62 16.32
C HIS D 143 8.87 -13.33 15.37
N MET D 144 9.07 -12.84 14.14
CA MET D 144 10.00 -13.45 13.17
C MET D 144 11.45 -13.35 13.69
N ARG D 145 11.81 -12.21 14.28
CA ARG D 145 13.17 -12.01 14.83
C ARG D 145 13.51 -13.00 15.96
N CYS D 146 12.53 -13.31 16.82
CA CYS D 146 12.71 -14.28 17.91
C CYS D 146 12.97 -15.69 17.37
N LYS D 147 12.20 -16.07 16.32
CA LYS D 147 12.35 -17.37 15.66
C LYS D 147 13.71 -17.47 14.94
N ILE D 148 14.17 -16.37 14.36
CA ILE D 148 15.47 -16.34 13.66
C ILE D 148 16.60 -16.44 14.70
N ALA D 149 16.51 -15.68 15.84
CA ALA D 149 17.56 -15.79 16.87
C ALA D 149 17.63 -17.23 17.40
N GLN D 150 16.47 -17.86 17.65
CA GLN D 150 16.44 -19.24 18.16
C GLN D 150 17.06 -20.22 17.18
N GLY D 151 16.70 -20.08 15.90
CA GLY D 151 17.21 -20.93 14.84
C GLY D 151 18.70 -20.80 14.67
N ALA D 152 19.21 -19.56 14.65
CA ALA D 152 20.64 -19.31 14.47
C ALA D 152 21.42 -19.92 15.65
N ALA D 153 20.86 -19.82 16.90
CA ALA D 153 21.50 -20.40 18.09
C ALA D 153 21.52 -21.93 17.97
N ASN D 154 20.47 -22.52 17.39
CA ASN D 154 20.36 -23.98 17.20
C ASN D 154 21.42 -24.48 16.20
N GLY D 155 21.67 -23.71 15.15
CA GLY D 155 22.70 -24.03 14.15
C GLY D 155 24.08 -23.96 14.78
N ILE D 156 24.38 -22.88 15.54
CA ILE D 156 25.66 -22.75 16.25
C ILE D 156 25.84 -23.91 17.24
N ASN D 157 24.78 -24.28 17.95
CA ASN D 157 24.84 -25.41 18.91
C ASN D 157 25.20 -26.70 18.21
N PHE D 158 24.58 -26.96 17.05
CA PHE D 158 24.93 -28.16 16.28
C PHE D 158 26.44 -28.13 15.91
N LEU D 159 26.96 -26.97 15.48
CA LEU D 159 28.37 -26.85 15.11
C LEU D 159 29.28 -27.10 16.31
N HIS D 160 28.98 -26.46 17.45
CA HIS D 160 29.79 -26.63 18.66
C HIS D 160 29.72 -28.07 19.20
N GLU D 161 28.52 -28.70 19.18
CA GLU D 161 28.30 -30.10 19.60
C GLU D 161 29.14 -31.04 18.73
N ASN D 162 29.34 -30.66 17.45
CA ASN D 162 30.07 -31.43 16.47
C ASN D 162 31.53 -30.98 16.32
N HIS D 163 32.04 -30.30 17.36
CA HIS D 163 33.42 -29.83 17.54
C HIS D 163 33.92 -28.95 16.39
N HIS D 164 33.05 -28.05 15.86
CA HIS D 164 33.42 -27.11 14.82
C HIS D 164 33.25 -25.67 15.35
N ILE D 165 34.20 -24.80 15.01
CA ILE D 165 34.19 -23.37 15.33
C ILE D 165 33.90 -22.66 14.02
N HIS D 166 32.87 -21.83 13.99
CA HIS D 166 32.50 -21.13 12.74
C HIS D 166 33.55 -20.10 12.28
N ARG D 167 33.93 -19.17 13.20
CA ARG D 167 34.91 -18.07 13.05
C ARG D 167 34.43 -16.91 12.19
N ASP D 168 33.19 -16.93 11.68
CA ASP D 168 32.74 -15.84 10.84
C ASP D 168 31.25 -15.61 11.01
N ILE D 169 30.79 -15.65 12.27
CA ILE D 169 29.38 -15.42 12.59
C ILE D 169 29.09 -13.93 12.40
N LYS D 170 28.11 -13.63 11.53
CA LYS D 170 27.64 -12.27 11.26
C LYS D 170 26.29 -12.36 10.59
N SER D 171 25.52 -11.22 10.58
CA SER D 171 24.19 -11.25 9.97
C SER D 171 24.22 -11.53 8.46
N ALA D 172 25.32 -11.20 7.77
CA ALA D 172 25.43 -11.47 6.33
C ALA D 172 25.55 -13.01 6.06
N ASN D 173 25.99 -13.78 7.07
CA ASN D 173 26.14 -15.25 7.00
C ASN D 173 24.98 -16.04 7.66
N ILE D 174 23.85 -15.35 7.98
CA ILE D 174 22.68 -16.03 8.51
C ILE D 174 21.64 -15.87 7.41
N LEU D 175 21.36 -16.94 6.69
CA LEU D 175 20.43 -16.87 5.55
C LEU D 175 19.04 -17.27 5.96
N LEU D 176 18.04 -16.93 5.12
CA LEU D 176 16.63 -17.11 5.44
C LEU D 176 15.90 -17.80 4.30
N ASP D 177 15.33 -18.94 4.61
CA ASP D 177 14.66 -19.76 3.60
C ASP D 177 13.22 -19.30 3.32
N GLU D 178 12.45 -20.12 2.58
CA GLU D 178 11.04 -19.89 2.19
CA GLU D 178 11.08 -19.75 2.19
C GLU D 178 10.13 -19.57 3.38
N ALA D 179 10.51 -20.00 4.59
CA ALA D 179 9.69 -19.81 5.79
C ALA D 179 10.41 -18.90 6.80
N PHE D 180 11.48 -18.20 6.35
CA PHE D 180 12.31 -17.32 7.19
C PHE D 180 12.99 -18.10 8.34
N THR D 181 13.28 -19.38 8.09
CA THR D 181 14.08 -20.23 8.97
C THR D 181 15.54 -19.79 8.78
N ALA D 182 16.24 -19.58 9.91
CA ALA D 182 17.65 -19.16 9.93
C ALA D 182 18.56 -20.32 9.51
N LYS D 183 19.46 -20.07 8.57
CA LYS D 183 20.39 -21.08 8.02
C LYS D 183 21.79 -20.46 8.04
N ILE D 184 22.62 -20.94 8.94
CA ILE D 184 24.02 -20.47 9.07
C ILE D 184 24.75 -20.87 7.78
N SER D 185 25.52 -19.93 7.17
CA SER D 185 26.32 -20.19 5.98
C SER D 185 27.79 -19.81 6.17
N ASP D 186 28.60 -20.01 5.10
CA ASP D 186 30.02 -19.65 4.95
C ASP D 186 30.90 -20.33 5.95
N PHE D 187 31.40 -21.50 5.55
CA PHE D 187 32.22 -22.36 6.41
C PHE D 187 33.68 -22.48 6.02
N GLY D 188 34.11 -21.64 5.08
CA GLY D 188 35.48 -21.66 4.56
C GLY D 188 36.55 -21.45 5.61
N LEU D 189 36.23 -20.69 6.66
CA LEU D 189 37.13 -20.37 7.76
C LEU D 189 36.88 -21.26 8.98
N ALA D 190 35.89 -22.17 8.92
CA ALA D 190 35.54 -23.02 10.05
C ALA D 190 36.71 -23.94 10.46
N ARG D 191 36.79 -24.26 11.78
CA ARG D 191 37.87 -25.11 12.30
C ARG D 191 37.30 -26.29 13.07
N ALA D 192 37.71 -27.51 12.71
CA ALA D 192 37.29 -28.76 13.38
C ALA D 192 38.32 -29.13 14.45
N SER D 193 37.86 -29.46 15.67
CA SER D 193 38.72 -29.78 16.81
C SER D 193 38.10 -30.79 17.79
N VAL D 200 43.78 -22.65 20.93
CA VAL D 200 44.89 -22.63 19.98
C VAL D 200 45.08 -21.24 19.34
N MET D 201 46.29 -20.98 18.81
CA MET D 201 46.67 -19.72 18.16
C MET D 201 46.86 -19.84 16.65
N TPO D 202 46.72 -18.71 15.95
CA TPO D 202 46.92 -18.59 14.50
CB TPO D 202 45.65 -18.80 13.59
CG2 TPO D 202 44.50 -17.78 13.82
OG1 TPO D 202 45.97 -18.73 12.19
P TPO D 202 46.24 -20.07 11.42
O1P TPO D 202 47.71 -20.06 11.01
O2P TPO D 202 45.46 -20.05 10.12
O3P TPO D 202 45.92 -21.38 12.17
C TPO D 202 47.64 -17.28 14.19
O TPO D 202 47.40 -16.27 14.85
N SEP D 203 48.54 -17.31 13.19
CA SEP D 203 49.28 -16.13 12.75
CB SEP D 203 50.68 -16.46 12.13
OG SEP D 203 50.90 -17.89 11.94
C SEP D 203 48.47 -15.35 11.73
O SEP D 203 48.72 -14.15 11.50
P SEP D 203 52.20 -18.24 11.19
O1P SEP D 203 52.45 -19.74 11.40
O2P SEP D 203 51.96 -17.98 9.71
O3P SEP D 203 53.44 -17.49 11.69
N ARG D 204 47.48 -16.02 11.12
CA ARG D 204 46.61 -15.46 10.08
C ARG D 204 45.25 -15.01 10.67
N ILE D 205 45.12 -13.71 10.95
CA ILE D 205 43.89 -13.14 11.53
C ILE D 205 42.89 -12.86 10.43
N VAL D 206 41.76 -13.57 10.50
CA VAL D 206 40.68 -13.46 9.51
C VAL D 206 39.34 -13.21 10.20
N GLY D 207 38.46 -12.46 9.52
CA GLY D 207 37.13 -12.12 10.01
C GLY D 207 36.74 -10.68 9.79
N THR D 208 35.50 -10.32 10.19
CA THR D 208 34.94 -8.97 10.05
C THR D 208 35.11 -8.33 11.42
N THR D 209 36.00 -7.33 11.53
CA THR D 209 36.36 -6.81 12.84
C THR D 209 35.20 -6.25 13.65
N ALA D 210 34.10 -5.75 13.02
CA ALA D 210 32.94 -5.24 13.79
C ALA D 210 32.24 -6.33 14.62
N TYR D 211 32.51 -7.61 14.32
CA TYR D 211 31.91 -8.76 15.00
C TYR D 211 32.86 -9.52 15.89
N MET D 212 34.17 -9.29 15.73
CA MET D 212 35.16 -10.13 16.39
C MET D 212 35.36 -9.88 17.86
N ALA D 213 35.48 -10.99 18.60
CA ALA D 213 35.79 -11.03 20.02
C ALA D 213 37.22 -10.47 20.19
N PRO D 214 37.53 -9.85 21.34
CA PRO D 214 38.91 -9.35 21.52
C PRO D 214 40.01 -10.41 21.31
N GLU D 215 39.84 -11.64 21.86
CA GLU D 215 40.83 -12.72 21.69
C GLU D 215 40.98 -13.20 20.23
N ALA D 216 39.88 -13.07 19.44
CA ALA D 216 39.87 -13.41 18.04
C ALA D 216 40.70 -12.40 17.25
N LEU D 217 40.63 -11.09 17.63
CA LEU D 217 41.43 -10.03 16.99
C LEU D 217 42.93 -10.25 17.23
N ARG D 218 43.27 -10.98 18.31
CA ARG D 218 44.65 -11.31 18.70
C ARG D 218 45.14 -12.66 18.11
N GLY D 219 44.24 -13.40 17.49
CA GLY D 219 44.58 -14.67 16.85
C GLY D 219 44.17 -15.96 17.53
N GLU D 220 43.41 -15.90 18.64
CA GLU D 220 42.94 -17.12 19.32
C GLU D 220 41.86 -17.81 18.51
N ILE D 221 41.81 -19.15 18.54
CA ILE D 221 40.76 -19.93 17.86
C ILE D 221 40.00 -20.67 18.97
N THR D 222 38.76 -20.24 19.24
CA THR D 222 37.91 -20.81 20.28
C THR D 222 36.40 -20.62 19.97
N PRO D 223 35.53 -21.60 20.34
CA PRO D 223 34.07 -21.42 20.14
C PRO D 223 33.51 -20.24 20.93
N LYS D 224 34.24 -19.80 21.98
CA LYS D 224 33.83 -18.65 22.80
C LYS D 224 33.72 -17.36 21.98
N SER D 225 34.52 -17.24 20.91
CA SER D 225 34.50 -16.10 20.00
C SER D 225 33.24 -16.14 19.15
N ASP D 226 32.73 -17.35 18.81
CA ASP D 226 31.47 -17.46 18.04
C ASP D 226 30.33 -16.87 18.88
N ILE D 227 30.39 -17.10 20.20
CA ILE D 227 29.40 -16.60 21.16
C ILE D 227 29.40 -15.06 21.15
N TYR D 228 30.57 -14.46 21.20
CA TYR D 228 30.70 -12.99 21.18
C TYR D 228 30.09 -12.41 19.90
N SER D 229 30.47 -12.97 18.73
CA SER D 229 29.96 -12.51 17.43
C SER D 229 28.44 -12.65 17.35
N PHE D 230 27.88 -13.72 17.93
CA PHE D 230 26.43 -13.92 17.98
C PHE D 230 25.75 -12.83 18.84
N GLY D 231 26.44 -12.35 19.87
CA GLY D 231 25.93 -11.24 20.68
C GLY D 231 25.75 -9.98 19.85
N VAL D 232 26.71 -9.71 18.92
CA VAL D 232 26.60 -8.56 18.02
C VAL D 232 25.37 -8.77 17.12
N VAL D 233 25.18 -9.99 16.61
CA VAL D 233 24.01 -10.33 15.75
C VAL D 233 22.71 -10.05 16.52
N LEU D 234 22.67 -10.45 17.80
CA LEU D 234 21.47 -10.21 18.62
C LEU D 234 21.20 -8.71 18.76
N LEU D 235 22.27 -7.87 18.88
CA LEU D 235 22.05 -6.41 18.94
C LEU D 235 21.51 -5.90 17.60
N GLU D 236 21.99 -6.44 16.47
CA GLU D 236 21.47 -6.07 15.15
C GLU D 236 19.97 -6.44 15.07
N ILE D 237 19.60 -7.60 15.58
CA ILE D 237 18.21 -8.05 15.57
C ILE D 237 17.31 -7.11 16.39
N ILE D 238 17.75 -6.72 17.58
CA ILE D 238 16.99 -5.84 18.47
C ILE D 238 16.83 -4.42 17.89
N THR D 239 17.92 -3.87 17.35
CA THR D 239 18.00 -2.47 16.90
C THR D 239 17.77 -2.19 15.44
N GLY D 240 18.03 -3.17 14.57
CA GLY D 240 18.00 -2.96 13.14
C GLY D 240 19.19 -2.16 12.63
N LEU D 241 20.17 -1.87 13.50
CA LEU D 241 21.35 -1.08 13.14
C LEU D 241 22.47 -1.95 12.61
N PRO D 242 23.32 -1.44 11.68
CA PRO D 242 24.45 -2.26 11.19
C PRO D 242 25.53 -2.35 12.28
N ALA D 243 26.34 -3.43 12.27
CA ALA D 243 27.38 -3.66 13.27
C ALA D 243 28.40 -2.53 13.31
N VAL D 244 28.62 -1.87 12.18
CA VAL D 244 29.52 -0.72 12.10
C VAL D 244 28.93 0.33 11.16
N ASP D 245 29.03 1.60 11.56
CA ASP D 245 28.57 2.73 10.76
C ASP D 245 29.55 3.86 11.08
N GLU D 246 30.42 4.20 10.11
CA GLU D 246 31.42 5.26 10.32
C GLU D 246 30.80 6.64 10.63
N HIS D 247 29.57 6.88 10.15
CA HIS D 247 28.90 8.17 10.36
C HIS D 247 27.96 8.16 11.58
N ARG D 248 28.12 7.18 12.51
CA ARG D 248 27.29 7.04 13.70
C ARG D 248 28.11 7.12 14.98
N GLU D 249 27.47 7.57 16.06
CA GLU D 249 28.04 7.62 17.39
C GLU D 249 27.18 6.71 18.30
N PRO D 250 27.71 5.55 18.77
CA PRO D 250 29.06 5.01 18.54
C PRO D 250 29.19 4.38 17.15
N GLN D 251 30.42 4.31 16.62
CA GLN D 251 30.59 3.72 15.30
C GLN D 251 30.32 2.20 15.35
N LEU D 252 30.69 1.57 16.46
CA LEU D 252 30.52 0.13 16.66
C LEU D 252 29.31 -0.16 17.48
N LEU D 253 28.41 -0.97 16.93
CA LEU D 253 27.19 -1.38 17.62
C LEU D 253 27.44 -2.01 19.00
N LEU D 254 28.51 -2.83 19.12
CA LEU D 254 28.84 -3.47 20.39
C LEU D 254 29.09 -2.45 21.53
N ASP D 255 29.45 -1.17 21.19
CA ASP D 255 29.65 -0.12 22.18
C ASP D 255 28.36 0.31 22.88
N ILE D 256 27.16 0.06 22.26
CA ILE D 256 25.89 0.42 22.91
C ILE D 256 25.73 -0.30 24.23
N LYS D 257 26.32 -1.52 24.41
CA LYS D 257 26.27 -2.26 25.68
C LYS D 257 26.84 -1.40 26.83
N GLU D 258 27.96 -0.70 26.56
CA GLU D 258 28.61 0.15 27.57
C GLU D 258 27.74 1.35 27.90
N GLU D 259 27.08 1.92 26.87
CA GLU D 259 26.17 3.06 27.04
C GLU D 259 25.02 2.71 27.97
N ILE D 260 24.45 1.50 27.79
CA ILE D 260 23.34 1.00 28.62
C ILE D 260 23.82 0.70 30.03
N GLU D 261 24.97 0.01 30.17
CA GLU D 261 25.58 -0.34 31.47
C GLU D 261 25.93 0.88 32.32
N ASP D 262 26.38 1.99 31.69
CA ASP D 262 26.71 3.24 32.37
C ASP D 262 25.47 4.12 32.63
N GLU D 263 24.26 3.59 32.30
CA GLU D 263 22.95 4.22 32.45
C GLU D 263 22.80 5.53 31.64
N GLU D 264 23.62 5.72 30.58
CA GLU D 264 23.46 6.91 29.74
C GLU D 264 22.40 6.65 28.65
N LYS D 265 22.03 5.35 28.49
CA LYS D 265 21.05 4.84 27.53
C LYS D 265 20.29 3.63 28.12
N THR D 266 19.14 3.28 27.52
CA THR D 266 18.34 2.09 27.88
C THR D 266 18.20 1.30 26.56
N ILE D 267 17.88 -0.01 26.60
CA ILE D 267 17.67 -0.74 25.33
C ILE D 267 16.47 -0.14 24.56
N GLU D 268 15.51 0.49 25.28
CA GLU D 268 14.34 1.16 24.70
C GLU D 268 14.75 2.29 23.74
N ASP D 269 15.87 2.98 24.02
CA ASP D 269 16.42 4.04 23.16
C ASP D 269 16.90 3.51 21.80
N TYR D 270 17.29 2.23 21.76
CA TYR D 270 17.86 1.60 20.57
C TYR D 270 16.95 0.62 19.83
N ILE D 271 15.81 0.25 20.43
CA ILE D 271 14.85 -0.67 19.79
C ILE D 271 14.49 -0.25 18.37
N ASP D 272 14.53 -1.20 17.44
CA ASP D 272 14.15 -0.94 16.07
C ASP D 272 12.68 -0.41 16.06
N LYS D 273 12.45 0.75 15.44
CA LYS D 273 11.08 1.30 15.35
C LYS D 273 10.23 0.63 14.25
N LYS D 274 10.87 -0.19 13.39
CA LYS D 274 10.20 -0.84 12.26
C LYS D 274 9.50 -2.18 12.64
N MET D 275 8.93 -2.23 13.82
CA MET D 275 8.20 -3.38 14.38
C MET D 275 7.01 -2.81 15.13
N ASN D 276 5.89 -3.56 15.19
CA ASN D 276 4.73 -3.11 15.95
C ASN D 276 4.37 -4.11 17.08
N ASP D 277 5.11 -5.24 17.17
CA ASP D 277 4.81 -6.35 18.08
C ASP D 277 5.89 -6.64 19.13
N ALA D 278 6.86 -5.75 19.33
CA ALA D 278 7.83 -6.04 20.39
C ALA D 278 7.16 -5.74 21.75
N ASP D 279 7.58 -6.46 22.79
CA ASP D 279 7.14 -6.21 24.16
C ASP D 279 8.42 -6.05 24.99
N SER D 280 8.38 -5.13 25.96
CA SER D 280 9.51 -4.82 26.83
C SER D 280 10.17 -6.02 27.46
N THR D 281 9.40 -7.02 27.93
CA THR D 281 9.94 -8.19 28.62
C THR D 281 10.79 -9.09 27.72
N SER D 282 10.27 -9.50 26.54
CA SER D 282 11.08 -10.37 25.68
C SER D 282 12.27 -9.63 25.06
N VAL D 283 12.14 -8.32 24.79
CA VAL D 283 13.22 -7.48 24.24
C VAL D 283 14.36 -7.40 25.27
N GLU D 284 13.99 -7.17 26.56
CA GLU D 284 14.97 -7.14 27.65
C GLU D 284 15.62 -8.51 27.84
N ALA D 285 14.88 -9.61 27.61
CA ALA D 285 15.40 -10.97 27.71
C ALA D 285 16.45 -11.23 26.60
N MET D 286 16.14 -10.83 25.34
CA MET D 286 17.13 -11.01 24.24
C MET D 286 18.35 -10.12 24.47
N TYR D 287 18.13 -8.89 24.94
CA TYR D 287 19.24 -7.99 25.25
C TYR D 287 20.16 -8.59 26.35
N SER D 288 19.56 -9.20 27.40
CA SER D 288 20.33 -9.84 28.48
C SER D 288 21.23 -10.96 27.94
N VAL D 289 20.71 -11.78 26.97
CA VAL D 289 21.50 -12.81 26.29
C VAL D 289 22.66 -12.14 25.53
N ALA D 290 22.37 -11.10 24.73
CA ALA D 290 23.38 -10.37 23.94
C ALA D 290 24.47 -9.78 24.84
N SER D 291 24.06 -9.11 25.94
CA SER D 291 24.97 -8.52 26.94
C SER D 291 25.95 -9.58 27.48
N GLN D 292 25.44 -10.76 27.86
CA GLN D 292 26.20 -11.90 28.37
C GLN D 292 27.18 -12.45 27.35
N CYS D 293 26.74 -12.58 26.06
CA CYS D 293 27.58 -13.05 24.94
C CYS D 293 28.74 -12.09 24.75
N LEU D 294 28.50 -10.80 25.00
CA LEU D 294 29.44 -9.70 24.78
C LEU D 294 30.37 -9.40 25.93
N HIS D 295 30.48 -10.31 26.89
CA HIS D 295 31.46 -10.12 27.99
C HIS D 295 32.85 -10.14 27.36
N GLU D 296 33.70 -9.18 27.71
CA GLU D 296 35.04 -9.06 27.14
C GLU D 296 35.94 -10.25 27.50
N LYS D 297 35.78 -10.81 28.72
CA LYS D 297 36.51 -11.99 29.19
C LYS D 297 35.77 -13.23 28.65
N LYS D 298 36.43 -13.98 27.76
CA LYS D 298 35.84 -15.16 27.10
C LYS D 298 35.24 -16.20 28.06
N ASN D 299 35.88 -16.47 29.22
CA ASN D 299 35.39 -17.47 30.18
C ASN D 299 34.12 -17.06 30.93
N LYS D 300 33.76 -15.76 30.90
CA LYS D 300 32.57 -15.26 31.59
C LYS D 300 31.34 -15.32 30.67
N ARG D 301 31.58 -15.58 29.38
CA ARG D 301 30.50 -15.70 28.37
C ARG D 301 29.73 -17.02 28.56
N PRO D 302 28.41 -17.05 28.27
CA PRO D 302 27.68 -18.32 28.36
C PRO D 302 28.10 -19.23 27.19
N ASP D 303 27.99 -20.55 27.35
CA ASP D 303 28.26 -21.43 26.21
C ASP D 303 26.98 -21.48 25.35
N ILE D 304 27.05 -22.01 24.13
CA ILE D 304 25.89 -22.02 23.23
C ILE D 304 24.64 -22.73 23.82
N LYS D 305 24.82 -23.80 24.64
CA LYS D 305 23.67 -24.49 25.24
C LYS D 305 22.91 -23.54 26.14
N LYS D 306 23.63 -22.71 26.91
CA LYS D 306 23.02 -21.73 27.80
C LYS D 306 22.31 -20.64 26.97
N VAL D 307 22.95 -20.18 25.88
CA VAL D 307 22.32 -19.21 24.96
C VAL D 307 21.01 -19.79 24.42
N GLN D 308 21.03 -21.04 23.93
CA GLN D 308 19.85 -21.74 23.40
C GLN D 308 18.72 -21.74 24.42
N GLN D 309 19.03 -22.18 25.66
CA GLN D 309 18.09 -22.25 26.78
C GLN D 309 17.48 -20.88 27.09
N LEU D 310 18.33 -19.83 27.20
CA LEU D 310 17.85 -18.48 27.49
C LEU D 310 16.92 -17.94 26.38
N LEU D 311 17.24 -18.25 25.11
CA LEU D 311 16.42 -17.81 23.99
C LEU D 311 15.09 -18.53 23.95
N GLN D 312 15.04 -19.78 24.42
CA GLN D 312 13.79 -20.55 24.52
C GLN D 312 12.90 -20.01 25.63
N GLU D 313 13.50 -19.66 26.80
CA GLU D 313 12.77 -19.10 27.95
C GLU D 313 12.18 -17.73 27.63
N MET D 314 12.83 -17.00 26.69
CA MET D 314 12.42 -15.68 26.22
C MET D 314 10.99 -15.72 25.61
N THR D 315 10.64 -16.81 24.92
CA THR D 315 9.33 -16.95 24.28
C THR D 315 8.51 -18.03 24.99
S SO4 E . -26.03 3.61 12.12
O1 SO4 E . -26.40 2.31 12.66
O2 SO4 E . -25.60 3.43 10.74
O3 SO4 E . -27.17 4.55 12.20
O4 SO4 E . -24.91 4.18 12.89
C4 LSV F . -10.28 14.47 -16.09
C5 LSV F . -10.90 15.61 -16.52
C6 LSV F . -12.08 15.55 -17.25
C7 LSV F . -12.62 14.28 -17.51
C8 LSV F . -11.97 13.16 -17.07
C9 LSV F . -10.80 13.23 -16.37
C12 LSV F . -13.71 13.71 -19.57
C13 LSV F . -15.06 13.80 -20.25
C3 LSV F . -9.02 14.24 -15.33
C1 LSV F . -8.66 12.23 -13.95
C2 LSV F . -8.84 12.72 -15.38
O10 LSV F . -10.06 12.25 -15.90
N11 LSV F . -13.80 14.19 -18.22
O14 LSV F . -16.11 13.23 -19.52
C15 LSV F . -16.21 13.74 -18.24
C16 LSV F . -14.88 13.57 -17.52
N17 LSV F . -12.80 16.65 -17.70
C18 LSV F . -12.47 17.94 -17.66
O19 LSV F . -11.48 18.33 -17.20
C20 LSV F . -13.46 18.91 -18.11
C21 LSV F . -13.49 20.28 -17.81
N22 LSV F . -14.52 20.79 -18.32
N23 LSV F . -15.25 19.87 -18.98
C24 LSV F . -14.61 18.68 -18.85
N25 LSV F . -15.11 17.59 -19.41
C26 LSV F . -16.21 17.62 -20.08
C27 LSV F . -16.90 18.82 -20.25
C28 LSV F . -16.39 19.93 -19.67
C29 LSV F . -7.65 12.31 -16.25
O30 LSV F . -7.58 10.94 -16.47
C4 LSV G . -8.41 -8.74 8.38
C5 LSV G . -7.83 -9.93 8.71
C6 LSV G . -8.45 -11.13 8.47
C7 LSV G . -9.69 -11.11 7.83
C8 LSV G . -10.27 -9.92 7.49
C9 LSV G . -9.65 -8.72 7.78
C12 LSV G . -11.60 -12.51 8.15
C13 LSV G . -12.07 -13.91 7.84
C3 LSV G . -7.99 -7.32 8.56
C1 LSV G . -8.82 -5.54 6.96
C2 LSV G . -9.21 -6.51 8.06
O10 LSV G . -10.10 -7.48 7.53
N11 LSV G . -10.31 -12.31 7.53
O14 LSV G . -12.05 -14.19 6.46
C15 LSV G . -10.81 -13.95 5.82
C16 LSV G . -10.36 -12.54 6.10
N17 LSV G . -7.89 -12.37 8.74
C18 LSV G . -6.75 -12.65 9.36
O19 LSV G . -6.09 -11.79 9.78
C20 LSV G . -6.34 -14.06 9.42
C21 LSV G . -5.09 -14.54 9.74
N22 LSV G . -5.07 -15.81 9.65
N23 LSV G . -6.27 -16.24 9.25
C24 LSV G . -7.08 -15.19 9.09
N25 LSV G . -8.33 -15.38 8.72
C26 LSV G . -8.81 -16.57 8.49
C27 LSV G . -8.00 -17.68 8.64
C28 LSV G . -6.73 -17.50 9.02
C29 LSV G . -9.81 -5.70 9.21
O30 LSV G . -11.19 -5.55 9.08
C4 LSV H . -2.51 8.08 11.47
C5 LSV H . -3.15 9.28 11.29
C6 LSV H . -2.59 10.46 11.68
C7 LSV H . -1.32 10.38 12.25
C8 LSV H . -0.68 9.18 12.42
C9 LSV H . -1.25 8.01 12.05
C12 LSV H . -0.59 11.69 14.05
C13 LSV H . -0.13 13.09 14.32
C3 LSV H . -2.87 6.66 11.16
C1 LSV H . -1.15 4.93 10.63
C2 LSV H . -1.68 5.84 11.72
O10 LSV H . -0.76 6.79 12.15
N11 LSV H . -0.71 11.53 12.62
O14 LSV H . 1.10 13.28 13.65
C15 LSV H . 1.02 13.19 12.27
C16 LSV H . 0.54 11.80 11.91
N17 LSV H . -3.15 11.74 11.50
C18 LSV H . -4.33 12.11 10.99
O19 LSV H . -5.11 11.31 10.66
C20 LSV H . -4.65 13.53 10.78
C21 LSV H . -5.65 14.05 9.97
N22 LSV H . -5.65 15.31 10.00
N23 LSV H . -4.64 15.71 10.78
C24 LSV H . -4.01 14.63 11.28
N25 LSV H . -2.97 14.76 12.10
C26 LSV H . -2.55 15.95 12.46
C27 LSV H . -3.18 17.08 11.99
C28 LSV H . -4.22 16.94 11.13
C29 LSV H . -2.16 5.02 12.90
O30 LSV H . -1.13 4.26 13.49
S SO4 I . 5.43 -3.01 26.57
O1 SO4 I . 5.07 -4.30 27.14
O2 SO4 I . 6.41 -3.18 25.50
O3 SO4 I . 4.23 -2.35 26.03
O4 SO4 I . 6.02 -2.16 27.61
S SO4 J . 36.66 -5.56 8.21
O1 SO4 J . 36.99 -6.98 8.20
O2 SO4 J . 37.48 -4.86 7.23
O3 SO4 J . 35.25 -5.38 7.88
O4 SO4 J . 36.92 -5.01 9.52
C4 LSV K . 19.05 -14.30 -2.16
C5 LSV K . 19.73 -15.46 -1.89
C6 LSV K . 21.00 -15.41 -1.39
C7 LSV K . 21.55 -14.17 -1.12
C8 LSV K . 20.85 -13.03 -1.38
C9 LSV K . 19.59 -13.07 -1.90
C12 LSV K . 23.83 -13.45 -1.42
C13 LSV K . 25.22 -13.58 -0.81
C3 LSV K . 17.69 -14.04 -2.70
C1 LSV K . 16.44 -12.00 -2.11
C2 LSV K . 17.64 -12.53 -2.85
O10 LSV K . 18.80 -12.04 -2.24
N11 LSV K . 22.81 -14.08 -0.60
O14 LSV K . 25.20 -13.10 0.49
C15 LSV K . 24.24 -13.70 1.32
C16 LSV K . 22.83 -13.65 0.78
N17 LSV K . 21.77 -16.53 -1.06
C18 LSV K . 21.45 -17.82 -1.21
O19 LSV K . 20.43 -18.15 -1.70
C20 LSV K . 22.40 -18.81 -0.67
C21 LSV K . 22.18 -20.17 -0.47
N22 LSV K . 23.19 -20.73 0.05
N23 LSV K . 24.15 -19.80 0.23
C24 LSV K . 23.69 -18.59 -0.19
N25 LSV K . 24.46 -17.52 -0.11
C26 LSV K . 25.65 -17.58 0.38
C27 LSV K . 26.17 -18.79 0.83
C28 LSV K . 25.39 -19.89 0.75
C29 LSV K . 17.56 -12.19 -4.32
O30 LSV K . 17.78 -10.85 -4.51
#